data_7ZCZ
#
_entry.id   7ZCZ
#
_cell.length_a   86.659
_cell.length_b   103.628
_cell.length_c   86.864
_cell.angle_alpha   90.000
_cell.angle_beta   117.455
_cell.angle_gamma   90.000
#
_symmetry.space_group_name_H-M   'P 1 21 1'
#
loop_
_entity.id
_entity.type
_entity.pdbx_description
1 polymer 'Aspartate carbamoyltransferase'
2 non-polymer 1-(4-CHLOROPHENYL)METHANAMINE
3 non-polymer 'SULFATE ION'
4 non-polymer 'SODIUM ION'
5 water water
#
_entity_poly.entity_id   1
_entity_poly.type   'polypeptide(L)'
_entity_poly.pdbx_seq_one_letter_code
;MFYINSKYKIDLDKIMTKMKNKSVINIDDVDDEELLAILYTSKQFEKILKNNEDSKYLENKVFCSVFLEPSTRTRCSFDA
AILKLGSKVLNITDMNSTSFYKGETVEDAFKILSTYVDGIIYRDPSKKNVDIAVSSSSKPIINAGNGTGEHPTQSLLDFY
TIHNYFPFILDRNINKKLNIAFVGDLKNGRTVHSLSKLLSRYNVSFNFVSCKSLNIPKDIVNTITYNLKKNNFYSDDSIK
YFDNLEEGLEDVHIIYMTRIQKERFTDVDEYNQYKNAFILSNKTLENTRDDTKILHPLPRVNEIKVEVDSNPKSVYFTQA
ENGLYVRMALLYLIFSSTSSAWSHPQFEK
;
_entity_poly.pdbx_strand_id   A,B,C
#
# COMPACT_ATOMS: atom_id res chain seq x y z
N TYR A 3 -0.65 -31.01 -20.48
CA TYR A 3 0.44 -30.26 -19.75
C TYR A 3 1.74 -31.08 -19.77
N ILE A 4 2.78 -30.55 -20.39
CA ILE A 4 4.07 -31.27 -20.69
C ILE A 4 5.22 -30.26 -20.43
N ASN A 5 6.49 -30.63 -20.17
CA ASN A 5 7.69 -29.75 -20.44
C ASN A 5 8.54 -30.33 -21.60
N SER A 6 7.96 -30.42 -22.81
CA SER A 6 8.48 -31.17 -23.99
C SER A 6 8.24 -32.68 -23.86
N LYS A 7 8.56 -33.30 -22.71
CA LYS A 7 8.59 -34.78 -22.55
C LYS A 7 8.02 -35.29 -21.20
N TYR A 8 7.84 -34.48 -20.14
CA TYR A 8 7.20 -34.94 -18.87
C TYR A 8 5.75 -34.44 -18.77
N LYS A 9 4.82 -35.38 -18.67
CA LYS A 9 3.37 -35.09 -18.49
C LYS A 9 3.13 -34.72 -17.04
N ILE A 10 2.49 -33.59 -16.79
CA ILE A 10 2.18 -33.03 -15.44
C ILE A 10 0.67 -33.13 -15.23
N ASP A 11 0.23 -33.94 -14.27
CA ASP A 11 -1.17 -33.91 -13.78
C ASP A 11 -1.28 -32.72 -12.81
N LEU A 12 -1.37 -31.52 -13.40
CA LEU A 12 -1.41 -30.20 -12.72
C LEU A 12 -2.57 -30.18 -11.71
N ASP A 13 -3.74 -30.72 -12.09
CA ASP A 13 -4.87 -30.96 -11.16
C ASP A 13 -4.41 -31.75 -9.94
N LYS A 14 -3.86 -32.96 -10.13
CA LYS A 14 -3.45 -33.87 -9.02
C LYS A 14 -2.44 -33.13 -8.15
N ILE A 15 -1.45 -32.48 -8.77
CA ILE A 15 -0.33 -31.81 -8.03
C ILE A 15 -0.84 -30.60 -7.25
N MET A 16 -1.88 -29.93 -7.75
CA MET A 16 -2.49 -28.77 -7.08
C MET A 16 -3.29 -29.25 -5.87
N THR A 17 -4.10 -30.32 -6.01
CA THR A 17 -4.88 -30.92 -4.90
C THR A 17 -3.96 -31.17 -3.72
N LYS A 18 -2.71 -31.53 -4.00
CA LYS A 18 -1.66 -31.79 -2.98
C LYS A 18 -1.03 -30.48 -2.50
N MET A 19 -0.77 -29.49 -3.37
CA MET A 19 -0.10 -28.23 -2.96
C MET A 19 -1.09 -27.25 -2.31
N LYS A 20 -2.39 -27.43 -2.53
CA LYS A 20 -3.42 -26.52 -1.98
C LYS A 20 -3.14 -26.23 -0.50
N ASN A 21 -2.98 -24.95 -0.16
CA ASN A 21 -2.89 -24.45 1.24
C ASN A 21 -1.65 -25.01 1.94
N LYS A 22 -0.63 -25.32 1.17
CA LYS A 22 0.67 -25.76 1.68
C LYS A 22 1.45 -24.52 2.02
N SER A 23 2.14 -24.51 3.13
CA SER A 23 3.15 -23.49 3.45
C SER A 23 4.47 -23.90 2.80
N VAL A 24 5.26 -22.92 2.39
CA VAL A 24 6.58 -23.18 1.76
C VAL A 24 7.61 -22.36 2.51
N ILE A 25 8.34 -23.02 3.39
CA ILE A 25 9.32 -22.41 4.33
C ILE A 25 10.74 -22.67 3.84
N ASN A 26 10.97 -23.88 3.35
CA ASN A 26 12.33 -24.41 3.00
C ASN A 26 12.20 -25.11 1.66
N ILE A 27 13.25 -25.11 0.84
CA ILE A 27 13.18 -25.82 -0.47
C ILE A 27 12.87 -27.33 -0.33
N ASP A 28 13.14 -27.96 0.82
CA ASP A 28 12.73 -29.38 1.08
C ASP A 28 11.21 -29.53 1.22
N ASP A 29 10.44 -28.45 1.28
CA ASP A 29 8.95 -28.53 1.31
C ASP A 29 8.41 -28.78 -0.10
N VAL A 30 9.28 -28.80 -1.10
CA VAL A 30 8.90 -28.91 -2.53
C VAL A 30 9.49 -30.25 -3.01
N ASP A 31 8.66 -31.18 -3.48
CA ASP A 31 9.16 -32.46 -3.97
C ASP A 31 9.29 -32.37 -5.53
N ASP A 32 9.64 -33.48 -6.18
CA ASP A 32 9.90 -33.57 -7.62
C ASP A 32 8.67 -33.11 -8.40
N GLU A 33 7.49 -33.71 -8.14
CA GLU A 33 6.23 -33.40 -8.86
C GLU A 33 5.88 -31.91 -8.66
N GLU A 34 6.13 -31.39 -7.46
CA GLU A 34 5.80 -29.98 -7.12
C GLU A 34 6.73 -29.07 -7.91
N LEU A 35 8.01 -29.44 -7.99
CA LEU A 35 8.99 -28.67 -8.78
C LEU A 35 8.56 -28.67 -10.25
N LEU A 36 8.16 -29.79 -10.81
CA LEU A 36 7.68 -29.83 -12.22
C LEU A 36 6.50 -28.88 -12.38
N ALA A 37 5.53 -28.92 -11.45
CA ALA A 37 4.34 -28.05 -11.57
C ALA A 37 4.78 -26.57 -11.51
N ILE A 38 5.73 -26.25 -10.62
CA ILE A 38 6.22 -24.87 -10.42
C ILE A 38 6.90 -24.43 -11.72
N LEU A 39 7.69 -25.32 -12.33
CA LEU A 39 8.49 -24.96 -13.53
C LEU A 39 7.53 -24.79 -14.71
N TYR A 40 6.53 -25.68 -14.85
CA TYR A 40 5.56 -25.64 -15.97
C TYR A 40 4.76 -24.34 -15.87
N THR A 41 4.26 -24.03 -14.68
CA THR A 41 3.35 -22.88 -14.46
C THR A 41 4.14 -21.58 -14.65
N SER A 42 5.36 -21.50 -14.11
CA SER A 42 6.27 -20.33 -14.23
C SER A 42 6.44 -20.01 -15.73
N LYS A 43 6.70 -21.05 -16.52
CA LYS A 43 6.90 -20.93 -17.97
C LYS A 43 5.63 -20.34 -18.62
N GLN A 44 4.45 -20.74 -18.18
CA GLN A 44 3.22 -20.22 -18.81
C GLN A 44 3.13 -18.71 -18.48
N PHE A 45 3.37 -18.32 -17.23
CA PHE A 45 3.32 -16.89 -16.82
C PHE A 45 4.42 -16.15 -17.59
N GLU A 46 5.58 -16.75 -17.80
CA GLU A 46 6.63 -16.09 -18.64
C GLU A 46 6.03 -15.79 -20.02
N LYS A 47 5.34 -16.72 -20.68
CA LYS A 47 4.92 -16.52 -22.09
C LYS A 47 3.72 -15.58 -22.11
N ILE A 48 2.84 -15.70 -21.15
CA ILE A 48 1.64 -14.83 -21.06
C ILE A 48 2.10 -13.38 -20.86
N LEU A 49 3.04 -13.09 -19.96
CA LEU A 49 3.45 -11.69 -19.70
C LEU A 49 4.30 -11.16 -20.86
N LYS A 50 5.22 -11.95 -21.40
CA LYS A 50 6.04 -11.50 -22.54
C LYS A 50 5.14 -11.20 -23.74
N ASN A 51 3.95 -11.79 -23.85
CA ASN A 51 3.02 -11.55 -24.98
C ASN A 51 1.88 -10.62 -24.58
N ASN A 52 2.00 -9.95 -23.44
CA ASN A 52 0.99 -8.96 -22.97
C ASN A 52 -0.39 -9.60 -22.92
N GLU A 53 -0.51 -10.84 -22.45
CA GLU A 53 -1.85 -11.46 -22.31
C GLU A 53 -2.33 -11.28 -20.87
N ASP A 54 -3.64 -11.50 -20.66
CA ASP A 54 -4.27 -11.51 -19.34
C ASP A 54 -3.53 -12.46 -18.37
N SER A 55 -3.09 -11.98 -17.22
CA SER A 55 -2.29 -12.73 -16.22
C SER A 55 -3.15 -13.03 -15.00
N LYS A 56 -4.43 -12.70 -15.03
CA LYS A 56 -5.28 -12.69 -13.82
C LYS A 56 -5.82 -14.10 -13.52
N TYR A 57 -4.96 -15.04 -13.12
CA TYR A 57 -5.35 -16.45 -12.85
C TYR A 57 -5.70 -16.68 -11.39
N LEU A 58 -5.56 -15.66 -10.55
CA LEU A 58 -5.89 -15.74 -9.12
C LEU A 58 -6.37 -14.39 -8.62
N GLU A 59 -7.59 -13.99 -9.00
CA GLU A 59 -8.34 -12.84 -8.45
C GLU A 59 -8.93 -13.34 -7.14
N ASN A 60 -9.48 -12.49 -6.32
CA ASN A 60 -10.38 -13.00 -5.25
C ASN A 60 -9.57 -13.34 -3.99
N LYS A 61 -8.25 -13.38 -4.05
CA LYS A 61 -7.43 -13.53 -2.84
C LYS A 61 -6.96 -12.18 -2.28
N VAL A 62 -6.82 -12.16 -0.96
CA VAL A 62 -6.25 -11.00 -0.23
C VAL A 62 -5.14 -11.57 0.61
N PHE A 63 -3.94 -11.05 0.43
CA PHE A 63 -2.69 -11.50 1.08
C PHE A 63 -2.29 -10.40 2.04
N CYS A 64 -1.58 -10.81 3.09
CA CYS A 64 -0.78 -9.89 3.92
C CYS A 64 0.71 -10.18 3.67
N SER A 65 1.46 -9.14 3.38
CA SER A 65 2.92 -9.20 3.24
C SER A 65 3.55 -8.56 4.48
N VAL A 66 4.25 -9.35 5.30
CA VAL A 66 4.95 -8.89 6.52
C VAL A 66 6.45 -8.95 6.28
N PHE A 67 7.13 -7.82 6.24
CA PHE A 67 8.59 -7.73 6.01
C PHE A 67 9.23 -7.01 7.17
N LEU A 68 9.87 -7.76 8.07
CA LEU A 68 10.39 -7.24 9.36
C LEU A 68 11.89 -6.98 9.26
N GLU A 69 12.41 -6.97 8.04
CA GLU A 69 13.72 -6.34 7.68
C GLU A 69 13.57 -5.77 6.28
N PRO A 70 14.38 -4.74 5.94
CA PRO A 70 14.37 -4.18 4.60
C PRO A 70 14.83 -5.30 3.65
N SER A 71 13.95 -5.71 2.77
CA SER A 71 14.28 -6.60 1.63
C SER A 71 13.34 -6.13 0.52
N THR A 72 13.52 -4.87 0.13
CA THR A 72 12.63 -4.09 -0.77
C THR A 72 12.54 -4.84 -2.11
N ARG A 73 13.65 -5.34 -2.69
CA ARG A 73 13.53 -6.07 -3.98
C ARG A 73 12.56 -7.24 -3.80
N THR A 74 12.71 -8.05 -2.73
CA THR A 74 11.99 -9.33 -2.55
C THR A 74 10.54 -9.02 -2.30
N ARG A 75 10.25 -8.02 -1.47
CA ARG A 75 8.82 -7.68 -1.23
C ARG A 75 8.17 -7.15 -2.50
N CYS A 76 8.85 -6.30 -3.27
CA CYS A 76 8.32 -5.72 -4.52
C CYS A 76 8.02 -6.87 -5.48
N SER A 77 8.85 -7.91 -5.46
CA SER A 77 8.71 -9.03 -6.41
C SER A 77 7.42 -9.77 -6.06
N PHE A 78 7.21 -10.00 -4.78
CA PHE A 78 5.99 -10.68 -4.27
C PHE A 78 4.76 -9.81 -4.51
N ASP A 79 4.81 -8.51 -4.20
CA ASP A 79 3.69 -7.58 -4.45
C ASP A 79 3.32 -7.62 -5.93
N ALA A 80 4.31 -7.55 -6.79
CA ALA A 80 4.08 -7.49 -8.24
C ALA A 80 3.41 -8.80 -8.65
N ALA A 81 3.83 -9.91 -8.09
CA ALA A 81 3.28 -11.22 -8.49
C ALA A 81 1.82 -11.31 -8.04
N ILE A 82 1.54 -10.89 -6.81
CA ILE A 82 0.15 -10.92 -6.28
C ILE A 82 -0.72 -10.03 -7.14
N LEU A 83 -0.25 -8.82 -7.43
CA LEU A 83 -1.09 -7.83 -8.15
C LEU A 83 -1.29 -8.28 -9.59
N LYS A 84 -0.25 -8.78 -10.24
CA LYS A 84 -0.32 -9.25 -11.64
C LYS A 84 -1.30 -10.42 -11.74
N LEU A 85 -1.39 -11.28 -10.71
CA LEU A 85 -2.36 -12.41 -10.65
C LEU A 85 -3.77 -11.87 -10.51
N GLY A 86 -3.93 -10.60 -10.11
CA GLY A 86 -5.24 -9.95 -9.95
C GLY A 86 -5.71 -9.97 -8.51
N SER A 87 -4.89 -10.48 -7.59
CA SER A 87 -5.22 -10.51 -6.16
C SER A 87 -4.82 -9.19 -5.52
N LYS A 88 -5.05 -9.09 -4.22
CA LYS A 88 -4.82 -7.84 -3.48
C LYS A 88 -3.89 -8.14 -2.32
N VAL A 89 -3.19 -7.12 -1.85
CA VAL A 89 -2.23 -7.28 -0.75
C VAL A 89 -2.25 -6.04 0.14
N LEU A 90 -2.04 -6.33 1.41
CA LEU A 90 -1.98 -5.40 2.56
C LEU A 90 -0.56 -5.63 3.09
N ASN A 91 0.23 -4.57 3.24
CA ASN A 91 1.69 -4.60 3.50
C ASN A 91 1.99 -4.19 4.93
N ILE A 92 2.88 -4.91 5.61
CA ILE A 92 3.53 -4.44 6.87
C ILE A 92 5.03 -4.38 6.63
N THR A 93 5.64 -3.19 6.61
CA THR A 93 7.07 -2.97 6.25
C THR A 93 7.70 -1.98 7.22
N ASP A 94 8.95 -1.59 6.96
CA ASP A 94 9.70 -0.45 7.60
C ASP A 94 9.53 -0.56 9.13
N MET A 95 9.35 -1.80 9.61
CA MET A 95 9.46 -2.21 11.04
C MET A 95 10.53 -3.31 11.06
N ASN A 96 11.10 -3.57 12.25
CA ASN A 96 11.88 -4.78 12.61
C ASN A 96 11.02 -5.63 13.58
N SER A 97 11.46 -6.85 13.88
CA SER A 97 10.75 -7.82 14.75
C SER A 97 10.27 -7.15 16.06
N THR A 98 11.12 -6.43 16.80
CA THR A 98 10.79 -5.92 18.17
C THR A 98 9.74 -4.79 18.08
N SER A 99 9.84 -3.89 17.10
CA SER A 99 8.89 -2.75 16.92
C SER A 99 7.49 -3.25 16.47
N PHE A 100 7.41 -4.37 15.73
CA PHE A 100 6.14 -4.97 15.23
C PHE A 100 5.47 -5.79 16.35
N TYR A 101 6.21 -6.65 17.06
CA TYR A 101 5.69 -7.49 18.19
C TYR A 101 5.77 -6.67 19.49
N LYS A 102 5.23 -5.43 19.49
CA LYS A 102 5.34 -4.48 20.63
C LYS A 102 5.03 -5.27 21.92
N GLY A 103 5.93 -6.17 22.34
CA GLY A 103 5.73 -7.09 23.48
C GLY A 103 4.44 -7.93 23.42
N GLU A 104 3.89 -8.24 22.24
CA GLU A 104 2.87 -9.30 22.02
C GLU A 104 3.56 -10.53 21.42
N THR A 105 3.06 -11.74 21.69
CA THR A 105 3.66 -13.02 21.23
C THR A 105 3.49 -13.15 19.71
N VAL A 106 4.47 -13.80 19.06
CA VAL A 106 4.39 -14.14 17.62
C VAL A 106 3.12 -14.97 17.44
N GLU A 107 2.83 -15.84 18.39
CA GLU A 107 1.72 -16.84 18.22
C GLU A 107 0.39 -16.07 18.18
N ASP A 108 0.16 -15.12 19.09
CA ASP A 108 -1.08 -14.29 19.10
C ASP A 108 -1.17 -13.50 17.80
N ALA A 109 -0.08 -12.91 17.36
CA ALA A 109 -0.07 -11.99 16.20
C ALA A 109 -0.52 -12.74 14.93
N PHE A 110 -0.01 -13.94 14.72
CA PHE A 110 -0.27 -14.72 13.49
C PHE A 110 -1.61 -15.41 13.62
N LYS A 111 -2.01 -15.74 14.84
CA LYS A 111 -3.35 -16.34 15.08
C LYS A 111 -4.39 -15.31 14.56
N ILE A 112 -4.22 -14.05 14.91
CA ILE A 112 -5.20 -12.95 14.60
C ILE A 112 -5.09 -12.59 13.11
N LEU A 113 -3.88 -12.32 12.65
CA LEU A 113 -3.65 -11.83 11.28
C LEU A 113 -4.11 -12.89 10.25
N SER A 114 -4.00 -14.18 10.56
CA SER A 114 -4.46 -15.23 9.63
C SER A 114 -5.99 -15.28 9.55
N THR A 115 -6.73 -14.64 10.47
CA THR A 115 -8.20 -14.53 10.34
C THR A 115 -8.59 -13.44 9.32
N TYR A 116 -7.67 -12.57 8.89
CA TYR A 116 -7.98 -11.40 8.04
C TYR A 116 -7.75 -11.70 6.57
N VAL A 117 -6.89 -12.67 6.28
CA VAL A 117 -6.34 -12.86 4.91
C VAL A 117 -6.33 -14.34 4.54
N ASP A 118 -6.16 -14.59 3.24
CA ASP A 118 -6.12 -15.95 2.64
C ASP A 118 -4.74 -16.58 2.78
N GLY A 119 -3.71 -15.76 2.98
CA GLY A 119 -2.33 -16.22 3.10
C GLY A 119 -1.37 -15.08 3.39
N ILE A 120 -0.15 -15.42 3.80
CA ILE A 120 0.83 -14.47 4.38
C ILE A 120 2.19 -14.75 3.77
N ILE A 121 2.81 -13.71 3.23
CA ILE A 121 4.22 -13.68 2.81
C ILE A 121 4.97 -13.08 3.98
N TYR A 122 5.97 -13.82 4.51
CA TYR A 122 6.66 -13.46 5.76
C TYR A 122 8.16 -13.50 5.54
N ARG A 123 8.78 -12.35 5.81
CA ARG A 123 10.25 -12.19 5.83
C ARG A 123 10.65 -11.66 7.20
N ASP A 124 11.53 -12.39 7.90
CA ASP A 124 12.01 -12.06 9.26
C ASP A 124 13.40 -12.68 9.44
N PRO A 125 14.43 -11.92 9.83
CA PRO A 125 15.75 -12.50 10.05
C PRO A 125 15.75 -13.58 11.15
N SER A 126 14.88 -13.52 12.15
CA SER A 126 14.67 -14.64 13.11
C SER A 126 14.13 -15.92 12.44
N LYS A 127 14.82 -17.05 12.54
CA LYS A 127 14.34 -18.39 12.12
C LYS A 127 13.15 -18.85 13.00
N LYS A 128 13.34 -18.71 14.32
CA LYS A 128 12.34 -19.07 15.38
C LYS A 128 10.97 -18.55 14.91
N ASN A 129 10.92 -17.29 14.51
CA ASN A 129 9.65 -16.55 14.26
C ASN A 129 8.86 -17.17 13.10
N VAL A 130 9.51 -17.42 11.97
CA VAL A 130 8.79 -18.02 10.82
C VAL A 130 8.15 -19.34 11.28
N ASP A 131 8.86 -20.16 12.07
CA ASP A 131 8.31 -21.47 12.46
C ASP A 131 7.17 -21.26 13.44
N ILE A 132 7.25 -20.30 14.36
CA ILE A 132 6.14 -20.02 15.30
C ILE A 132 4.93 -19.57 14.50
N ALA A 133 5.16 -18.67 13.54
CA ALA A 133 4.11 -18.16 12.62
C ALA A 133 3.43 -19.34 11.95
N VAL A 134 4.18 -20.31 11.43
CA VAL A 134 3.60 -21.50 10.76
C VAL A 134 2.75 -22.30 11.76
N SER A 135 3.19 -22.55 12.99
CA SER A 135 2.34 -23.22 14.03
C SER A 135 1.03 -22.47 14.32
N SER A 136 1.07 -21.14 14.37
CA SER A 136 -0.05 -20.34 14.92
C SER A 136 -1.02 -19.94 13.80
N SER A 137 -0.55 -19.88 12.55
CA SER A 137 -1.33 -19.33 11.41
C SER A 137 -2.40 -20.33 10.99
N SER A 138 -3.65 -19.92 10.81
CA SER A 138 -4.70 -20.74 10.16
C SER A 138 -4.53 -20.71 8.63
N LYS A 139 -3.53 -20.00 8.12
CA LYS A 139 -3.37 -19.79 6.67
C LYS A 139 -1.94 -20.09 6.21
N PRO A 140 -1.80 -20.46 4.93
CA PRO A 140 -0.49 -20.79 4.40
C PRO A 140 0.45 -19.61 4.49
N ILE A 141 1.71 -19.91 4.75
CA ILE A 141 2.81 -18.91 4.80
C ILE A 141 3.82 -19.25 3.73
N ILE A 142 4.25 -18.24 2.99
CA ILE A 142 5.44 -18.35 2.13
C ILE A 142 6.55 -17.58 2.77
N ASN A 143 7.60 -18.29 3.13
CA ASN A 143 8.85 -17.71 3.68
C ASN A 143 9.50 -16.94 2.55
N ALA A 144 9.75 -15.65 2.75
CA ALA A 144 10.43 -14.76 1.79
C ALA A 144 11.89 -14.59 2.19
N GLY A 145 12.30 -15.24 3.29
CA GLY A 145 13.70 -15.23 3.77
C GLY A 145 13.77 -15.09 5.28
N ASN A 146 14.63 -15.88 5.91
CA ASN A 146 14.97 -15.75 7.35
C ASN A 146 16.48 -16.00 7.54
N GLY A 147 16.96 -15.75 8.75
CA GLY A 147 18.38 -15.76 9.16
C GLY A 147 19.06 -17.12 9.01
N THR A 148 18.32 -18.25 9.08
CA THR A 148 18.91 -19.60 8.82
C THR A 148 19.13 -19.85 7.33
N GLY A 149 18.91 -18.85 6.47
CA GLY A 149 19.26 -18.97 5.05
C GLY A 149 18.21 -19.74 4.26
N GLU A 150 17.09 -20.12 4.86
CA GLU A 150 15.90 -20.62 4.09
C GLU A 150 15.33 -19.46 3.27
N HIS A 151 15.17 -19.66 1.97
CA HIS A 151 14.69 -18.64 1.01
C HIS A 151 14.23 -19.38 -0.24
N PRO A 152 13.10 -20.13 -0.13
CA PRO A 152 12.81 -21.12 -1.16
C PRO A 152 12.49 -20.54 -2.53
N THR A 153 11.89 -19.34 -2.62
CA THR A 153 11.52 -18.75 -3.92
C THR A 153 12.80 -18.31 -4.63
N GLN A 154 13.85 -17.93 -3.92
CA GLN A 154 15.16 -17.67 -4.56
C GLN A 154 15.72 -18.96 -5.15
N SER A 155 15.74 -20.08 -4.42
CA SER A 155 16.21 -21.38 -4.96
C SER A 155 15.37 -21.73 -6.16
N LEU A 156 14.04 -21.58 -6.08
CA LEU A 156 13.11 -22.00 -7.18
C LEU A 156 13.39 -21.13 -8.42
N LEU A 157 13.60 -19.81 -8.30
CA LEU A 157 13.85 -18.96 -9.49
C LEU A 157 15.26 -19.21 -10.02
N ASP A 158 16.25 -19.43 -9.14
CA ASP A 158 17.62 -19.88 -9.54
C ASP A 158 17.50 -21.14 -10.45
N PHE A 159 16.76 -22.15 -9.98
CA PHE A 159 16.61 -23.46 -10.67
C PHE A 159 15.86 -23.24 -11.98
N TYR A 160 14.80 -22.46 -11.96
CA TYR A 160 13.98 -22.15 -13.19
C TYR A 160 14.90 -21.54 -14.26
N THR A 161 15.76 -20.63 -13.84
CA THR A 161 16.70 -19.92 -14.74
C THR A 161 17.64 -20.95 -15.38
N ILE A 162 18.30 -21.78 -14.55
CA ILE A 162 19.22 -22.85 -15.01
C ILE A 162 18.49 -23.80 -15.96
N HIS A 163 17.30 -24.27 -15.60
CA HIS A 163 16.49 -25.21 -16.39
C HIS A 163 16.10 -24.60 -17.75
N ASN A 164 15.99 -23.28 -17.86
CA ASN A 164 15.68 -22.66 -19.17
C ASN A 164 16.83 -22.83 -20.16
N TYR A 165 18.08 -22.81 -19.72
CA TYR A 165 19.24 -22.96 -20.64
C TYR A 165 19.70 -24.42 -20.70
N PHE A 166 19.39 -25.25 -19.70
CA PHE A 166 19.94 -26.63 -19.52
C PHE A 166 18.80 -27.54 -19.07
N PRO A 167 17.73 -27.70 -19.87
CA PRO A 167 16.52 -28.41 -19.41
C PRO A 167 16.80 -29.87 -19.06
N PHE A 168 17.96 -30.40 -19.46
CA PHE A 168 18.34 -31.79 -19.13
C PHE A 168 18.63 -31.97 -17.62
N ILE A 169 18.82 -30.92 -16.78
CA ILE A 169 18.98 -31.13 -15.30
C ILE A 169 17.82 -32.00 -14.82
N LEU A 170 16.62 -31.94 -15.41
CA LEU A 170 15.43 -32.64 -14.88
C LEU A 170 15.49 -34.14 -15.19
N ASP A 171 16.29 -34.57 -16.16
CA ASP A 171 16.15 -35.94 -16.74
C ASP A 171 16.71 -37.00 -15.78
N ARG A 172 17.64 -36.64 -14.91
CA ARG A 172 18.37 -37.64 -14.07
C ARG A 172 18.91 -38.74 -14.99
N ASN A 173 19.60 -38.28 -16.04
CA ASN A 173 20.28 -39.14 -17.04
C ASN A 173 21.79 -39.14 -16.74
N ILE A 174 22.39 -40.31 -16.58
CA ILE A 174 23.80 -40.47 -16.11
C ILE A 174 24.76 -39.77 -17.10
N ASN A 175 24.37 -39.70 -18.38
CA ASN A 175 25.19 -39.14 -19.50
C ASN A 175 25.00 -37.64 -19.70
N LYS A 176 24.02 -37.02 -19.04
CA LYS A 176 23.71 -35.59 -19.18
C LYS A 176 23.84 -34.93 -17.81
N LYS A 177 25.08 -34.56 -17.46
CA LYS A 177 25.46 -33.98 -16.16
C LYS A 177 25.60 -32.46 -16.32
N LEU A 178 25.05 -31.68 -15.38
CA LEU A 178 25.30 -30.23 -15.33
C LEU A 178 26.44 -29.94 -14.36
N ASN A 179 27.35 -29.06 -14.75
CA ASN A 179 28.50 -28.63 -13.92
C ASN A 179 28.29 -27.17 -13.56
N ILE A 180 28.32 -26.85 -12.28
CA ILE A 180 28.09 -25.45 -11.82
C ILE A 180 29.29 -25.03 -10.99
N ALA A 181 29.78 -23.81 -11.17
CA ALA A 181 30.74 -23.18 -10.25
C ALA A 181 29.98 -22.18 -9.35
N PHE A 182 30.08 -22.35 -8.04
CA PHE A 182 29.65 -21.38 -7.02
C PHE A 182 30.89 -20.58 -6.62
N VAL A 183 30.81 -19.24 -6.70
CA VAL A 183 31.95 -18.31 -6.53
C VAL A 183 31.63 -17.28 -5.44
N GLY A 184 32.52 -17.17 -4.46
CA GLY A 184 32.64 -16.00 -3.57
C GLY A 184 32.57 -16.43 -2.13
N ASP A 185 31.57 -15.96 -1.39
CA ASP A 185 31.45 -16.24 0.05
C ASP A 185 30.42 -17.36 0.20
N LEU A 186 30.93 -18.58 0.21
CA LEU A 186 30.14 -19.83 0.20
C LEU A 186 29.79 -20.21 1.64
N LYS A 187 30.55 -19.75 2.63
CA LYS A 187 30.22 -19.85 4.08
C LYS A 187 28.92 -19.09 4.39
N ASN A 188 28.82 -17.83 3.98
CA ASN A 188 27.73 -16.91 4.38
C ASN A 188 26.68 -16.77 3.28
N GLY A 189 26.98 -17.09 2.01
CA GLY A 189 26.05 -17.02 0.87
C GLY A 189 25.00 -18.13 0.91
N ARG A 190 23.93 -17.89 1.64
CA ARG A 190 22.92 -18.90 2.03
C ARG A 190 22.14 -19.33 0.79
N THR A 191 22.11 -18.45 -0.19
CA THR A 191 21.44 -18.70 -1.48
C THR A 191 22.15 -19.90 -2.17
N VAL A 192 23.46 -20.01 -1.95
CA VAL A 192 24.28 -21.16 -2.43
C VAL A 192 23.82 -22.42 -1.72
N HIS A 193 23.64 -22.35 -0.40
CA HIS A 193 23.31 -23.54 0.45
C HIS A 193 22.00 -24.11 -0.08
N SER A 194 20.99 -23.27 -0.24
CA SER A 194 19.63 -23.66 -0.66
C SER A 194 19.68 -24.28 -2.08
N LEU A 195 20.37 -23.60 -3.01
CA LEU A 195 20.38 -24.04 -4.42
C LEU A 195 21.15 -25.36 -4.53
N SER A 196 22.28 -25.48 -3.84
CA SER A 196 23.09 -26.73 -3.76
C SER A 196 22.17 -27.88 -3.36
N LYS A 197 21.40 -27.70 -2.28
CA LYS A 197 20.50 -28.77 -1.76
C LYS A 197 19.56 -29.19 -2.88
N LEU A 198 19.04 -28.23 -3.63
CA LEU A 198 18.05 -28.49 -4.70
C LEU A 198 18.75 -29.13 -5.92
N LEU A 199 19.89 -28.59 -6.37
CA LEU A 199 20.64 -29.11 -7.54
C LEU A 199 21.09 -30.54 -7.30
N SER A 200 21.47 -30.92 -6.07
CA SER A 200 22.05 -32.25 -5.73
C SER A 200 20.98 -33.36 -5.84
N ARG A 201 19.73 -32.97 -6.09
CA ARG A 201 18.59 -33.90 -6.28
C ARG A 201 18.73 -34.46 -7.69
N TYR A 202 19.67 -33.93 -8.46
CA TYR A 202 19.81 -34.12 -9.92
C TYR A 202 21.27 -34.47 -10.24
N ASN A 203 21.52 -34.73 -11.51
CA ASN A 203 22.85 -35.19 -11.99
C ASN A 203 23.69 -33.93 -12.17
N VAL A 204 24.34 -33.53 -11.10
CA VAL A 204 25.05 -32.22 -11.04
C VAL A 204 26.38 -32.41 -10.34
N SER A 205 27.32 -31.58 -10.76
CA SER A 205 28.74 -31.58 -10.35
C SER A 205 29.08 -30.15 -9.92
N PHE A 206 29.80 -30.00 -8.81
CA PHE A 206 29.95 -28.71 -8.10
C PHE A 206 31.41 -28.32 -7.97
N ASN A 207 31.75 -27.14 -8.45
CA ASN A 207 33.00 -26.42 -8.14
C ASN A 207 32.69 -25.32 -7.13
N PHE A 208 33.24 -25.41 -5.92
CA PHE A 208 33.17 -24.38 -4.86
C PHE A 208 34.46 -23.56 -4.89
N VAL A 209 34.35 -22.38 -5.48
CA VAL A 209 35.47 -21.43 -5.70
C VAL A 209 35.42 -20.34 -4.62
N SER A 210 36.37 -20.35 -3.68
CA SER A 210 36.40 -19.44 -2.50
C SER A 210 37.83 -19.41 -1.94
N CYS A 211 38.11 -18.45 -1.07
CA CYS A 211 39.39 -18.41 -0.33
C CYS A 211 39.06 -19.16 0.96
N LYS A 212 39.57 -20.39 1.10
CA LYS A 212 39.66 -21.24 2.33
C LYS A 212 38.72 -20.69 3.41
N SER A 213 39.04 -19.50 3.99
CA SER A 213 38.31 -18.78 5.06
C SER A 213 36.78 -18.80 4.89
N LEU A 214 36.27 -18.80 3.64
CA LEU A 214 34.83 -18.52 3.28
C LEU A 214 34.29 -19.67 2.40
N ASN A 215 34.71 -20.91 2.67
CA ASN A 215 34.36 -22.05 1.78
C ASN A 215 33.01 -22.60 2.20
N ILE A 216 32.42 -23.42 1.34
CA ILE A 216 31.12 -24.09 1.58
C ILE A 216 31.19 -24.84 2.90
N PRO A 217 30.18 -24.74 3.79
CA PRO A 217 30.23 -25.45 5.07
C PRO A 217 30.11 -26.99 4.91
N LYS A 218 30.71 -27.75 5.84
CA LYS A 218 30.76 -29.23 5.78
C LYS A 218 29.33 -29.80 5.70
N ASP A 219 28.37 -29.28 6.46
CA ASP A 219 27.03 -29.92 6.54
C ASP A 219 26.31 -29.78 5.19
N ILE A 220 26.59 -28.72 4.41
CA ILE A 220 26.01 -28.55 3.05
C ILE A 220 26.66 -29.58 2.10
N VAL A 221 27.97 -29.77 2.18
CA VAL A 221 28.69 -30.81 1.38
C VAL A 221 28.14 -32.20 1.72
N ASN A 222 27.78 -32.45 2.97
CA ASN A 222 27.18 -33.74 3.39
C ASN A 222 25.82 -33.93 2.74
N THR A 223 25.00 -32.86 2.71
CA THR A 223 23.67 -32.91 2.09
C THR A 223 23.84 -33.21 0.61
N ILE A 224 24.81 -32.59 -0.04
CA ILE A 224 25.01 -32.72 -1.52
C ILE A 224 25.37 -34.20 -1.77
N THR A 225 26.29 -34.69 -0.96
CA THR A 225 26.80 -36.06 -1.08
C THR A 225 25.66 -37.06 -0.87
N TYR A 226 24.83 -36.83 0.13
CA TYR A 226 23.65 -37.67 0.46
C TYR A 226 22.70 -37.68 -0.74
N ASN A 227 22.35 -36.52 -1.30
CA ASN A 227 21.33 -36.44 -2.39
C ASN A 227 21.90 -37.04 -3.68
N LEU A 228 23.21 -36.92 -3.91
CA LEU A 228 23.84 -37.47 -5.11
C LEU A 228 23.88 -39.00 -4.96
N LYS A 229 24.26 -39.51 -3.78
CA LYS A 229 24.33 -40.97 -3.53
C LYS A 229 22.92 -41.54 -3.72
N LYS A 230 21.88 -40.86 -3.28
CA LYS A 230 20.52 -41.45 -3.31
C LYS A 230 20.11 -41.71 -4.78
N ASN A 231 20.59 -40.91 -5.76
CA ASN A 231 20.21 -41.05 -7.20
C ASN A 231 21.34 -41.64 -8.05
N ASN A 232 22.37 -42.19 -7.41
CA ASN A 232 23.55 -42.85 -8.02
C ASN A 232 24.23 -41.90 -9.02
N PHE A 233 24.51 -40.67 -8.57
CA PHE A 233 25.29 -39.65 -9.29
C PHE A 233 26.50 -39.19 -8.48
N TYR A 234 26.88 -39.90 -7.43
CA TYR A 234 28.03 -39.46 -6.60
C TYR A 234 29.28 -40.14 -7.15
N SER A 235 30.35 -39.39 -7.41
CA SER A 235 31.72 -39.87 -7.74
C SER A 235 32.74 -38.97 -7.04
N ASP A 236 34.03 -39.28 -7.17
CA ASP A 236 35.14 -38.50 -6.55
C ASP A 236 35.20 -37.15 -7.24
N ASP A 237 34.60 -37.06 -8.44
CA ASP A 237 34.54 -35.83 -9.29
C ASP A 237 33.30 -34.98 -8.97
N SER A 238 32.39 -35.43 -8.11
CA SER A 238 31.11 -34.73 -7.85
C SER A 238 31.36 -33.34 -7.25
N ILE A 239 32.34 -33.18 -6.37
CA ILE A 239 32.57 -31.89 -5.65
C ILE A 239 34.05 -31.55 -5.69
N LYS A 240 34.45 -30.48 -6.38
CA LYS A 240 35.85 -30.00 -6.45
C LYS A 240 35.93 -28.63 -5.75
N TYR A 241 37.07 -28.25 -5.18
CA TYR A 241 37.31 -27.00 -4.44
C TYR A 241 38.43 -26.22 -5.10
N PHE A 242 38.21 -24.96 -5.52
CA PHE A 242 39.28 -24.11 -6.12
C PHE A 242 39.40 -22.80 -5.34
N ASP A 243 40.59 -22.17 -5.37
CA ASP A 243 40.85 -20.85 -4.75
C ASP A 243 41.11 -19.80 -5.85
N ASN A 244 40.76 -20.07 -7.11
CA ASN A 244 41.01 -19.12 -8.23
C ASN A 244 40.06 -19.43 -9.39
N LEU A 245 39.76 -18.39 -10.19
CA LEU A 245 38.72 -18.44 -11.24
C LEU A 245 39.19 -19.32 -12.39
N GLU A 246 40.41 -19.11 -12.87
CA GLU A 246 40.97 -19.78 -14.05
C GLU A 246 40.61 -21.27 -14.04
N GLU A 247 40.86 -21.95 -12.92
CA GLU A 247 40.59 -23.40 -12.75
C GLU A 247 39.10 -23.62 -12.47
N GLY A 248 38.52 -22.85 -11.55
CA GLY A 248 37.12 -22.97 -11.13
C GLY A 248 36.12 -22.89 -12.28
N LEU A 249 36.37 -22.05 -13.29
CA LEU A 249 35.32 -21.69 -14.30
C LEU A 249 35.42 -22.62 -15.53
N GLU A 250 36.37 -23.54 -15.52
CA GLU A 250 36.66 -24.47 -16.63
C GLU A 250 35.51 -25.48 -16.75
N ASP A 251 34.96 -25.63 -17.94
CA ASP A 251 33.96 -26.68 -18.27
C ASP A 251 32.79 -26.63 -17.30
N VAL A 252 32.26 -25.46 -16.95
CA VAL A 252 31.01 -25.35 -16.14
C VAL A 252 29.92 -24.67 -16.97
N HIS A 253 28.72 -25.24 -16.99
CA HIS A 253 27.51 -24.71 -17.68
C HIS A 253 26.99 -23.47 -16.95
N ILE A 254 27.15 -23.42 -15.65
CA ILE A 254 26.64 -22.28 -14.81
C ILE A 254 27.79 -21.73 -13.97
N ILE A 255 27.93 -20.40 -13.97
CA ILE A 255 28.70 -19.64 -12.94
C ILE A 255 27.71 -18.86 -12.07
N TYR A 256 27.67 -19.14 -10.79
CA TYR A 256 26.77 -18.49 -9.81
C TYR A 256 27.65 -17.67 -8.87
N MET A 257 27.64 -16.35 -9.04
CA MET A 257 28.45 -15.38 -8.25
C MET A 257 27.69 -14.99 -7.00
N THR A 258 28.42 -14.62 -5.93
CA THR A 258 27.85 -14.06 -4.68
C THR A 258 28.66 -12.87 -4.21
N ARG A 259 28.12 -12.13 -3.23
CA ARG A 259 28.85 -11.02 -2.54
C ARG A 259 30.01 -11.61 -1.75
N ILE A 260 31.14 -10.91 -1.70
CA ILE A 260 32.32 -11.21 -0.83
C ILE A 260 32.68 -9.93 -0.05
N GLN A 261 32.07 -9.66 1.12
CA GLN A 261 32.34 -8.44 1.97
C GLN A 261 33.63 -8.57 2.83
N LYS A 262 34.59 -7.64 2.69
CA LYS A 262 35.82 -7.43 3.53
C LYS A 262 37.02 -7.30 2.57
N ASN A 276 40.79 -7.92 -6.70
CA ASN A 276 40.46 -9.16 -5.94
C ASN A 276 40.38 -10.37 -6.90
N ALA A 277 40.48 -11.56 -6.30
CA ALA A 277 40.62 -12.87 -6.95
C ALA A 277 39.29 -13.37 -7.50
N PHE A 278 38.16 -12.88 -6.97
CA PHE A 278 36.83 -13.45 -7.26
C PHE A 278 35.94 -12.44 -7.97
N ILE A 279 36.55 -11.65 -8.86
CA ILE A 279 35.88 -10.61 -9.68
C ILE A 279 35.78 -11.13 -11.11
N LEU A 280 34.55 -11.27 -11.58
CA LEU A 280 34.20 -11.72 -12.95
C LEU A 280 34.33 -10.54 -13.94
N SER A 281 35.07 -10.77 -15.03
CA SER A 281 35.30 -9.82 -16.14
C SER A 281 35.23 -10.59 -17.48
N ASN A 282 35.17 -9.87 -18.60
CA ASN A 282 35.23 -10.51 -19.95
C ASN A 282 36.54 -11.29 -20.11
N LYS A 283 37.64 -10.80 -19.51
CA LYS A 283 38.93 -11.51 -19.51
C LYS A 283 38.77 -12.87 -18.81
N THR A 284 38.23 -12.90 -17.60
CA THR A 284 38.12 -14.16 -16.79
C THR A 284 37.12 -15.09 -17.48
N LEU A 285 36.32 -14.62 -18.44
CA LEU A 285 35.26 -15.46 -19.04
C LEU A 285 35.67 -16.11 -20.37
N GLU A 286 36.86 -15.80 -20.89
CA GLU A 286 37.34 -16.34 -22.19
C GLU A 286 37.46 -17.88 -22.21
N ASN A 287 37.87 -18.54 -21.12
CA ASN A 287 38.11 -20.02 -21.08
C ASN A 287 36.96 -20.70 -20.33
N THR A 288 35.75 -20.18 -20.52
CA THR A 288 34.47 -20.84 -20.17
C THR A 288 33.89 -21.45 -21.46
N ARG A 289 32.93 -22.36 -21.31
CA ARG A 289 32.22 -22.99 -22.45
C ARG A 289 31.45 -21.89 -23.19
N ASP A 290 31.07 -22.18 -24.43
CA ASP A 290 30.30 -21.17 -25.21
C ASP A 290 28.94 -21.04 -24.54
N ASP A 291 28.43 -22.12 -23.95
CA ASP A 291 27.03 -22.18 -23.47
C ASP A 291 26.93 -21.71 -22.01
N THR A 292 28.02 -21.31 -21.37
CA THR A 292 27.93 -21.02 -19.92
C THR A 292 27.06 -19.78 -19.69
N LYS A 293 26.24 -19.83 -18.64
CA LYS A 293 25.36 -18.72 -18.22
C LYS A 293 25.78 -18.32 -16.80
N ILE A 294 25.70 -17.01 -16.52
CA ILE A 294 26.17 -16.36 -15.27
C ILE A 294 24.94 -15.93 -14.46
N LEU A 295 24.78 -16.50 -13.28
CA LEU A 295 23.74 -16.08 -12.32
C LEU A 295 24.39 -15.28 -11.20
N HIS A 296 23.59 -14.48 -10.52
CA HIS A 296 23.93 -13.72 -9.29
C HIS A 296 22.61 -13.33 -8.64
N PRO A 297 22.37 -13.70 -7.36
CA PRO A 297 21.07 -13.44 -6.72
C PRO A 297 20.79 -11.95 -6.60
N LEU A 298 21.84 -11.12 -6.61
CA LEU A 298 21.83 -9.64 -6.55
C LEU A 298 21.33 -9.22 -5.17
N PRO A 299 21.72 -8.01 -4.68
CA PRO A 299 22.50 -7.05 -5.44
C PRO A 299 23.98 -7.43 -5.56
N ARG A 300 24.66 -6.96 -6.59
CA ARG A 300 26.13 -7.09 -6.74
C ARG A 300 26.78 -5.80 -6.23
N VAL A 301 28.08 -5.82 -5.94
CA VAL A 301 28.91 -4.63 -5.58
C VAL A 301 29.98 -4.56 -6.67
N ASN A 302 31.16 -5.17 -6.47
CA ASN A 302 32.26 -5.21 -7.49
C ASN A 302 32.36 -6.59 -8.15
N GLU A 303 31.71 -7.62 -7.61
CA GLU A 303 31.93 -9.06 -7.96
C GLU A 303 31.80 -9.29 -9.48
N ILE A 304 30.91 -8.55 -10.15
CA ILE A 304 30.73 -8.65 -11.63
C ILE A 304 30.83 -7.26 -12.22
N LYS A 305 31.85 -7.07 -13.06
CA LYS A 305 32.13 -5.80 -13.77
C LYS A 305 30.98 -5.50 -14.74
N VAL A 306 30.61 -4.22 -14.81
CA VAL A 306 29.49 -3.71 -15.65
C VAL A 306 29.70 -4.15 -17.11
N GLU A 307 30.94 -4.35 -17.56
CA GLU A 307 31.23 -4.78 -18.94
C GLU A 307 30.57 -6.14 -19.23
N VAL A 308 30.41 -7.00 -18.22
CA VAL A 308 29.88 -8.39 -18.41
C VAL A 308 28.39 -8.34 -18.77
N ASP A 309 27.70 -7.27 -18.40
CA ASP A 309 26.26 -7.04 -18.71
C ASP A 309 26.02 -7.14 -20.23
N SER A 310 26.99 -6.74 -21.04
CA SER A 310 26.94 -6.78 -22.54
C SER A 310 27.24 -8.19 -23.03
N ASN A 311 27.94 -8.98 -22.21
CA ASN A 311 28.33 -10.36 -22.58
C ASN A 311 27.07 -11.21 -22.59
N PRO A 312 26.72 -11.89 -23.72
CA PRO A 312 25.48 -12.67 -23.80
C PRO A 312 25.45 -13.85 -22.80
N LYS A 313 26.59 -14.17 -22.21
CA LYS A 313 26.63 -15.19 -21.13
C LYS A 313 25.94 -14.67 -19.86
N SER A 314 25.79 -13.36 -19.67
CA SER A 314 25.21 -12.82 -18.42
C SER A 314 23.69 -13.02 -18.44
N VAL A 315 23.10 -13.54 -17.37
CA VAL A 315 21.60 -13.71 -17.27
C VAL A 315 21.10 -13.27 -15.90
N TYR A 316 21.94 -12.64 -15.07
CA TYR A 316 21.56 -12.24 -13.69
C TYR A 316 20.32 -11.31 -13.73
N PHE A 317 20.11 -10.49 -14.77
CA PHE A 317 18.92 -9.59 -14.82
C PHE A 317 17.69 -10.38 -15.28
N THR A 318 17.84 -11.30 -16.22
CA THR A 318 16.74 -12.23 -16.63
C THR A 318 16.38 -13.10 -15.41
N GLN A 319 17.40 -13.49 -14.62
CA GLN A 319 17.25 -14.31 -13.39
C GLN A 319 16.29 -13.59 -12.43
N ALA A 320 16.55 -12.30 -12.13
CA ALA A 320 15.71 -11.45 -11.22
C ALA A 320 14.30 -11.33 -11.78
N GLU A 321 14.19 -11.13 -13.08
CA GLU A 321 12.90 -11.10 -13.80
C GLU A 321 12.15 -12.42 -13.59
N ASN A 322 12.81 -13.58 -13.69
CA ASN A 322 12.11 -14.87 -13.56
C ASN A 322 11.46 -15.00 -12.18
N GLY A 323 11.98 -14.30 -11.18
CA GLY A 323 11.35 -14.30 -9.85
C GLY A 323 9.90 -13.88 -9.90
N LEU A 324 9.53 -12.91 -10.78
CA LEU A 324 8.10 -12.57 -10.98
C LEU A 324 7.33 -13.84 -11.35
N TYR A 325 7.75 -14.54 -12.38
CA TYR A 325 6.99 -15.67 -12.95
C TYR A 325 6.95 -16.83 -11.96
N VAL A 326 8.02 -17.06 -11.22
CA VAL A 326 8.08 -18.22 -10.27
C VAL A 326 7.19 -17.95 -9.05
N ARG A 327 7.14 -16.71 -8.55
CA ARG A 327 6.31 -16.31 -7.38
C ARG A 327 4.84 -16.30 -7.80
N MET A 328 4.52 -15.81 -9.00
CA MET A 328 3.15 -15.97 -9.55
C MET A 328 2.77 -17.46 -9.59
N ALA A 329 3.62 -18.33 -10.13
CA ALA A 329 3.31 -19.77 -10.26
C ALA A 329 3.01 -20.36 -8.87
N LEU A 330 3.93 -20.14 -7.94
CA LEU A 330 3.81 -20.75 -6.60
C LEU A 330 2.51 -20.25 -5.93
N LEU A 331 2.20 -18.95 -5.99
CA LEU A 331 0.94 -18.40 -5.40
C LEU A 331 -0.25 -19.07 -6.09
N TYR A 332 -0.20 -19.21 -7.42
CA TYR A 332 -1.31 -19.81 -8.19
C TYR A 332 -1.55 -21.24 -7.68
N LEU A 333 -0.49 -22.02 -7.53
CA LEU A 333 -0.62 -23.49 -7.31
C LEU A 333 -1.06 -23.74 -5.86
N ILE A 334 -0.63 -22.89 -4.94
CA ILE A 334 -0.97 -22.99 -3.49
C ILE A 334 -2.39 -22.45 -3.22
N PHE A 335 -2.75 -21.29 -3.77
CA PHE A 335 -3.94 -20.53 -3.30
C PHE A 335 -5.12 -20.63 -4.25
N SER A 336 -4.93 -21.22 -5.41
CA SER A 336 -6.02 -21.34 -6.39
C SER A 336 -7.09 -22.24 -5.77
N SER A 337 -8.36 -21.98 -6.04
CA SER A 337 -9.51 -22.83 -5.64
C SER A 337 -10.27 -23.40 -6.86
N THR A 338 -9.56 -23.86 -7.91
CA THR A 338 -10.16 -24.46 -9.17
C THR A 338 -11.16 -25.57 -8.79
N SER A 343 -8.84 -23.84 -18.02
CA SER A 343 -8.91 -22.90 -16.85
C SER A 343 -7.55 -22.66 -16.17
N HIS A 344 -6.59 -23.59 -16.21
CA HIS A 344 -5.17 -23.32 -15.84
C HIS A 344 -4.51 -22.46 -16.92
N PRO A 345 -3.41 -21.76 -16.60
CA PRO A 345 -2.62 -21.05 -17.60
C PRO A 345 -1.99 -21.92 -18.70
N GLN A 346 -2.10 -21.49 -19.97
CA GLN A 346 -1.52 -22.18 -21.15
C GLN A 346 -1.24 -21.20 -22.33
N PHE A 347 0.00 -21.17 -22.86
CA PHE A 347 0.37 -20.71 -24.25
C PHE A 347 0.39 -19.16 -24.33
N PHE B 2 -13.91 14.04 -31.14
CA PHE B 2 -13.27 14.57 -29.84
C PHE B 2 -12.75 16.01 -30.06
N TYR B 3 -13.38 17.01 -29.42
CA TYR B 3 -13.03 18.46 -29.55
C TYR B 3 -12.75 19.06 -28.18
N ILE B 4 -12.11 20.22 -28.20
CA ILE B 4 -11.79 21.00 -26.97
C ILE B 4 -12.08 22.46 -27.34
N ASN B 5 -12.68 23.23 -26.42
CA ASN B 5 -13.20 24.60 -26.64
C ASN B 5 -14.08 24.67 -27.91
N SER B 6 -14.47 23.52 -28.50
CA SER B 6 -15.15 23.40 -29.82
C SER B 6 -14.27 23.93 -30.97
N LYS B 7 -12.99 24.19 -30.76
CA LYS B 7 -12.10 24.75 -31.81
C LYS B 7 -11.20 23.65 -32.37
N TYR B 8 -10.57 22.83 -31.51
CA TYR B 8 -9.42 21.95 -31.86
C TYR B 8 -9.92 20.51 -31.80
N LYS B 9 -9.95 19.82 -32.95
CA LYS B 9 -10.28 18.38 -33.02
C LYS B 9 -9.02 17.62 -32.57
N ILE B 10 -9.19 16.66 -31.65
CA ILE B 10 -8.10 15.84 -31.08
C ILE B 10 -8.22 14.42 -31.64
N ASP B 11 -7.27 14.00 -32.47
CA ASP B 11 -7.13 12.59 -32.90
C ASP B 11 -6.45 11.83 -31.76
N LEU B 12 -7.24 11.51 -30.74
CA LEU B 12 -6.82 10.84 -29.48
C LEU B 12 -6.14 9.51 -29.80
N ASP B 13 -6.64 8.72 -30.76
CA ASP B 13 -5.96 7.52 -31.28
C ASP B 13 -4.55 7.88 -31.76
N LYS B 14 -4.41 8.85 -32.69
CA LYS B 14 -3.11 9.24 -33.29
C LYS B 14 -2.18 9.64 -32.14
N ILE B 15 -2.67 10.50 -31.24
CA ILE B 15 -1.87 11.11 -30.14
C ILE B 15 -1.46 10.04 -29.11
N MET B 16 -2.27 9.00 -28.93
CA MET B 16 -1.97 7.89 -28.01
C MET B 16 -0.85 7.04 -28.58
N THR B 17 -0.95 6.67 -29.87
CA THR B 17 0.08 5.85 -30.57
C THR B 17 1.45 6.51 -30.37
N LYS B 18 1.47 7.84 -30.32
CA LYS B 18 2.67 8.69 -30.12
C LYS B 18 3.07 8.70 -28.64
N MET B 19 2.13 8.82 -27.70
CA MET B 19 2.46 8.95 -26.26
C MET B 19 2.73 7.57 -25.63
N LYS B 20 2.26 6.49 -26.24
CA LYS B 20 2.40 5.12 -25.66
C LYS B 20 3.83 4.93 -25.13
N ASN B 21 3.96 4.58 -23.86
CA ASN B 21 5.24 4.19 -23.23
C ASN B 21 6.30 5.28 -23.25
N LYS B 22 5.83 6.52 -23.29
CA LYS B 22 6.67 7.72 -23.19
C LYS B 22 6.93 7.95 -21.70
N SER B 23 8.15 8.31 -21.37
CA SER B 23 8.49 8.81 -20.02
C SER B 23 8.22 10.31 -19.98
N VAL B 24 7.80 10.81 -18.84
CA VAL B 24 7.50 12.26 -18.67
C VAL B 24 8.29 12.74 -17.44
N ILE B 25 9.40 13.38 -17.69
CA ILE B 25 10.43 13.84 -16.71
C ILE B 25 10.29 15.35 -16.52
N ASN B 26 10.02 16.05 -17.61
CA ASN B 26 10.17 17.52 -17.77
C ASN B 26 8.92 17.99 -18.52
N ILE B 27 8.43 19.19 -18.27
CA ILE B 27 7.25 19.70 -19.04
C ILE B 27 7.59 19.86 -20.53
N ASP B 28 8.85 19.97 -20.93
CA ASP B 28 9.24 19.99 -22.37
C ASP B 28 9.07 18.61 -23.03
N ASP B 29 8.78 17.54 -22.28
CA ASP B 29 8.50 16.21 -22.88
C ASP B 29 7.06 16.18 -23.40
N VAL B 30 6.29 17.24 -23.21
CA VAL B 30 4.86 17.33 -23.62
C VAL B 30 4.77 18.39 -24.68
N ASP B 31 4.33 18.05 -25.89
CA ASP B 31 4.21 19.07 -26.97
C ASP B 31 2.76 19.57 -27.02
N ASP B 32 2.44 20.40 -27.99
CA ASP B 32 1.14 21.06 -28.16
C ASP B 32 0.02 20.03 -28.24
N GLU B 33 0.09 19.08 -29.19
CA GLU B 33 -0.91 18.00 -29.42
C GLU B 33 -1.07 17.19 -28.14
N GLU B 34 0.04 16.91 -27.45
CA GLU B 34 0.05 16.07 -26.22
C GLU B 34 -0.68 16.85 -25.13
N LEU B 35 -0.41 18.15 -25.02
CA LEU B 35 -1.10 19.00 -24.04
C LEU B 35 -2.59 18.98 -24.33
N LEU B 36 -3.01 19.18 -25.59
CA LEU B 36 -4.46 19.16 -25.93
C LEU B 36 -5.06 17.81 -25.52
N ALA B 37 -4.38 16.70 -25.80
CA ALA B 37 -4.94 15.37 -25.47
C ALA B 37 -5.07 15.25 -23.94
N ILE B 38 -4.07 15.72 -23.21
CA ILE B 38 -4.07 15.68 -21.72
C ILE B 38 -5.24 16.53 -21.21
N LEU B 39 -5.47 17.72 -21.79
CA LEU B 39 -6.53 18.66 -21.30
C LEU B 39 -7.89 18.04 -21.63
N TYR B 40 -8.06 17.47 -22.83
CA TYR B 40 -9.33 16.86 -23.24
C TYR B 40 -9.65 15.68 -22.30
N THR B 41 -8.68 14.81 -22.06
CA THR B 41 -8.91 13.54 -21.32
C THR B 41 -9.17 13.87 -19.83
N SER B 42 -8.39 14.78 -19.27
CA SER B 42 -8.53 15.32 -17.89
C SER B 42 -9.98 15.79 -17.68
N LYS B 43 -10.48 16.57 -18.64
CA LYS B 43 -11.85 17.11 -18.59
C LYS B 43 -12.85 15.95 -18.56
N GLN B 44 -12.63 14.90 -19.31
CA GLN B 44 -13.61 13.78 -19.32
C GLN B 44 -13.60 13.13 -17.93
N PHE B 45 -12.42 12.86 -17.36
CA PHE B 45 -12.30 12.26 -16.02
C PHE B 45 -12.94 13.20 -15.00
N GLU B 46 -12.77 14.52 -15.16
CA GLU B 46 -13.47 15.46 -14.24
C GLU B 46 -14.98 15.18 -14.28
N LYS B 47 -15.59 15.04 -15.45
CA LYS B 47 -17.07 15.00 -15.56
C LYS B 47 -17.54 13.60 -15.17
N ILE B 48 -16.77 12.59 -15.50
CA ILE B 48 -17.12 11.19 -15.14
C ILE B 48 -17.11 11.06 -13.61
N LEU B 49 -16.07 11.53 -12.93
CA LEU B 49 -16.00 11.36 -11.44
C LEU B 49 -17.00 12.29 -10.74
N LYS B 50 -17.18 13.53 -11.20
CA LYS B 50 -18.15 14.45 -10.58
C LYS B 50 -19.54 13.86 -10.71
N ASN B 51 -19.81 13.03 -11.71
CA ASN B 51 -21.17 12.42 -11.92
C ASN B 51 -21.22 10.98 -11.42
N ASN B 52 -20.23 10.55 -10.65
CA ASN B 52 -20.16 9.18 -10.06
C ASN B 52 -20.33 8.14 -11.15
N GLU B 53 -19.71 8.30 -12.30
CA GLU B 53 -19.74 7.22 -13.32
C GLU B 53 -18.47 6.39 -13.19
N ASP B 54 -18.49 5.21 -13.81
CA ASP B 54 -17.36 4.26 -13.91
C ASP B 54 -16.12 4.98 -14.46
N SER B 55 -15.01 4.90 -13.73
CA SER B 55 -13.74 5.60 -14.01
C SER B 55 -12.69 4.60 -14.53
N LYS B 56 -13.05 3.36 -14.76
CA LYS B 56 -12.05 2.27 -14.93
C LYS B 56 -11.56 2.21 -16.38
N TYR B 57 -10.82 3.19 -16.87
CA TYR B 57 -10.37 3.25 -18.30
C TYR B 57 -9.00 2.58 -18.50
N LEU B 58 -8.38 2.09 -17.42
CA LEU B 58 -7.07 1.41 -17.47
C LEU B 58 -6.94 0.38 -16.32
N GLU B 59 -7.51 -0.80 -16.53
CA GLU B 59 -7.60 -1.88 -15.52
C GLU B 59 -6.39 -2.80 -15.39
N ASN B 60 -5.67 -3.16 -16.41
CA ASN B 60 -4.91 -4.42 -16.20
C ASN B 60 -3.44 -4.10 -15.88
N LYS B 61 -3.17 -2.96 -15.28
CA LYS B 61 -1.78 -2.46 -15.14
C LYS B 61 -1.34 -2.54 -13.68
N VAL B 62 -0.05 -2.70 -13.49
CA VAL B 62 0.57 -2.75 -12.14
C VAL B 62 1.71 -1.75 -12.17
N PHE B 63 1.65 -0.78 -11.28
CA PHE B 63 2.65 0.33 -11.19
C PHE B 63 3.43 0.09 -9.92
N CYS B 64 4.62 0.63 -9.92
CA CYS B 64 5.42 0.86 -8.70
C CYS B 64 5.51 2.36 -8.48
N SER B 65 5.22 2.81 -7.27
CA SER B 65 5.37 4.23 -6.86
C SER B 65 6.54 4.28 -5.87
N VAL B 66 7.62 4.95 -6.24
CA VAL B 66 8.87 5.09 -5.42
C VAL B 66 8.99 6.55 -5.00
N PHE B 67 8.81 6.87 -3.73
CA PHE B 67 8.90 8.26 -3.20
C PHE B 67 10.02 8.27 -2.17
N LEU B 68 11.17 8.82 -2.53
CA LEU B 68 12.42 8.78 -1.71
C LEU B 68 12.59 10.11 -0.94
N GLU B 69 11.50 10.88 -0.84
CA GLU B 69 11.26 11.94 0.16
C GLU B 69 9.76 11.97 0.43
N PRO B 70 9.34 12.46 1.60
CA PRO B 70 7.93 12.60 1.90
C PRO B 70 7.34 13.63 0.94
N SER B 71 6.36 13.25 0.13
CA SER B 71 5.54 14.22 -0.65
C SER B 71 4.15 13.62 -0.72
N THR B 72 3.60 13.39 0.47
CA THR B 72 2.33 12.68 0.77
C THR B 72 1.18 13.19 -0.12
N ARG B 73 0.94 14.48 -0.30
CA ARG B 73 -0.22 14.91 -1.15
C ARG B 73 -0.03 14.36 -2.57
N THR B 74 1.17 14.52 -3.15
CA THR B 74 1.48 14.14 -4.55
C THR B 74 1.40 12.60 -4.68
N ARG B 75 1.97 11.86 -3.75
CA ARG B 75 1.91 10.39 -3.78
C ARG B 75 0.47 9.89 -3.70
N CYS B 76 -0.33 10.46 -2.80
CA CYS B 76 -1.76 10.09 -2.60
C CYS B 76 -2.50 10.37 -3.91
N SER B 77 -2.15 11.47 -4.56
CA SER B 77 -2.85 11.89 -5.80
C SER B 77 -2.57 10.85 -6.88
N PHE B 78 -1.32 10.40 -6.99
CA PHE B 78 -0.92 9.39 -7.98
C PHE B 78 -1.56 8.04 -7.64
N ASP B 79 -1.52 7.61 -6.37
CA ASP B 79 -2.15 6.34 -5.94
C ASP B 79 -3.62 6.37 -6.34
N ALA B 80 -4.28 7.48 -6.03
CA ALA B 80 -5.73 7.62 -6.23
C ALA B 80 -6.00 7.51 -7.73
N ALA B 81 -5.15 8.08 -8.55
CA ALA B 81 -5.36 8.11 -9.99
C ALA B 81 -5.24 6.68 -10.54
N ILE B 82 -4.20 5.99 -10.13
CA ILE B 82 -4.00 4.57 -10.54
C ILE B 82 -5.20 3.74 -10.11
N LEU B 83 -5.61 3.88 -8.87
CA LEU B 83 -6.63 2.98 -8.29
C LEU B 83 -7.99 3.29 -8.95
N LYS B 84 -8.29 4.55 -9.12
CA LYS B 84 -9.57 5.01 -9.72
C LYS B 84 -9.66 4.52 -11.18
N LEU B 85 -8.53 4.47 -11.90
CA LEU B 85 -8.49 3.95 -13.29
C LEU B 85 -8.75 2.42 -13.27
N GLY B 86 -8.60 1.78 -12.12
CA GLY B 86 -8.83 0.34 -11.97
C GLY B 86 -7.54 -0.46 -11.94
N SER B 87 -6.39 0.19 -12.03
CA SER B 87 -5.10 -0.54 -11.99
C SER B 87 -4.63 -0.72 -10.53
N LYS B 88 -3.43 -1.23 -10.35
CA LYS B 88 -2.93 -1.61 -9.01
C LYS B 88 -1.54 -0.98 -8.81
N VAL B 89 -1.16 -0.76 -7.55
CA VAL B 89 0.17 -0.15 -7.25
C VAL B 89 0.80 -0.76 -6.01
N LEU B 90 2.10 -1.01 -6.14
CA LEU B 90 2.99 -1.30 -5.01
C LEU B 90 3.85 -0.06 -4.71
N ASN B 91 3.98 0.26 -3.42
CA ASN B 91 4.46 1.59 -2.95
C ASN B 91 5.76 1.39 -2.21
N ILE B 92 6.71 2.27 -2.49
CA ILE B 92 7.85 2.53 -1.61
C ILE B 92 7.76 3.98 -1.13
N THR B 93 7.60 4.18 0.19
CA THR B 93 7.52 5.47 0.91
C THR B 93 8.50 5.44 2.08
N ASP B 94 8.56 6.52 2.89
CA ASP B 94 9.22 6.59 4.24
C ASP B 94 10.66 6.02 4.09
N MET B 95 11.22 6.07 2.87
CA MET B 95 12.66 5.83 2.58
C MET B 95 13.20 7.12 1.96
N ASN B 96 14.52 7.32 2.07
CA ASN B 96 15.33 8.33 1.35
C ASN B 96 16.23 7.56 0.37
N SER B 97 16.89 8.27 -0.53
CA SER B 97 17.83 7.72 -1.54
C SER B 97 18.78 6.67 -0.91
N THR B 98 19.49 6.98 0.19
CA THR B 98 20.58 6.11 0.71
C THR B 98 20.01 4.82 1.32
N SER B 99 18.89 4.88 2.05
CA SER B 99 18.23 3.70 2.69
C SER B 99 17.63 2.75 1.64
N PHE B 100 17.17 3.26 0.49
CA PHE B 100 16.56 2.46 -0.60
C PHE B 100 17.67 1.81 -1.47
N TYR B 101 18.69 2.55 -1.88
CA TYR B 101 19.85 2.05 -2.68
C TYR B 101 20.92 1.50 -1.74
N LYS B 102 20.54 0.60 -0.83
CA LYS B 102 21.45 0.00 0.19
C LYS B 102 22.81 -0.31 -0.45
N GLY B 103 23.56 0.71 -0.88
CA GLY B 103 24.81 0.58 -1.65
C GLY B 103 24.70 -0.28 -2.91
N GLU B 104 23.53 -0.36 -3.55
CA GLU B 104 23.33 -0.92 -4.92
C GLU B 104 23.14 0.27 -5.87
N THR B 105 23.54 0.14 -7.14
CA THR B 105 23.54 1.22 -8.16
C THR B 105 22.11 1.54 -8.55
N VAL B 106 21.82 2.80 -8.86
CA VAL B 106 20.48 3.22 -9.36
C VAL B 106 20.22 2.40 -10.62
N GLU B 107 21.25 2.15 -11.43
CA GLU B 107 21.12 1.45 -12.73
C GLU B 107 20.56 0.05 -12.54
N ASP B 108 21.20 -0.72 -11.64
CA ASP B 108 20.81 -2.11 -11.30
C ASP B 108 19.39 -2.10 -10.74
N ALA B 109 19.08 -1.14 -9.88
CA ALA B 109 17.81 -1.16 -9.13
C ALA B 109 16.63 -1.00 -10.11
N PHE B 110 16.77 -0.08 -11.07
CA PHE B 110 15.67 0.25 -12.01
C PHE B 110 15.63 -0.82 -13.10
N LYS B 111 16.77 -1.39 -13.41
CA LYS B 111 16.84 -2.46 -14.43
C LYS B 111 15.96 -3.62 -13.93
N ILE B 112 16.05 -3.96 -12.64
CA ILE B 112 15.33 -5.10 -12.03
C ILE B 112 13.85 -4.71 -11.83
N LEU B 113 13.62 -3.59 -11.18
CA LEU B 113 12.25 -3.16 -10.78
C LEU B 113 11.38 -2.97 -12.03
N SER B 114 11.93 -2.53 -13.15
CA SER B 114 11.14 -2.36 -14.40
C SER B 114 10.76 -3.72 -15.01
N THR B 115 11.36 -4.84 -14.57
CA THR B 115 10.91 -6.18 -15.02
C THR B 115 9.64 -6.62 -14.27
N TYR B 116 9.28 -5.97 -13.16
CA TYR B 116 8.18 -6.40 -12.25
C TYR B 116 6.87 -5.69 -12.60
N VAL B 117 6.92 -4.54 -13.25
CA VAL B 117 5.75 -3.64 -13.39
C VAL B 117 5.67 -3.08 -14.81
N ASP B 118 4.54 -2.44 -15.10
CA ASP B 118 4.23 -1.78 -16.39
C ASP B 118 4.80 -0.37 -16.45
N GLY B 119 4.96 0.29 -15.29
CA GLY B 119 5.31 1.72 -15.21
C GLY B 119 5.75 2.09 -13.80
N ILE B 120 6.52 3.17 -13.66
CA ILE B 120 7.06 3.62 -12.35
C ILE B 120 6.79 5.12 -12.19
N ILE B 121 6.17 5.47 -11.08
CA ILE B 121 6.08 6.86 -10.57
C ILE B 121 7.25 7.07 -9.59
N TYR B 122 8.12 8.04 -9.86
CA TYR B 122 9.41 8.25 -9.16
C TYR B 122 9.52 9.70 -8.72
N ARG B 123 9.65 9.85 -7.42
CA ARG B 123 9.99 11.13 -6.74
C ARG B 123 11.29 10.95 -5.97
N ASP B 124 12.29 11.77 -6.31
CA ASP B 124 13.62 11.77 -5.64
C ASP B 124 14.21 13.17 -5.70
N PRO B 125 14.63 13.76 -4.57
CA PRO B 125 15.25 15.09 -4.60
C PRO B 125 16.50 15.16 -5.49
N SER B 126 17.28 14.09 -5.63
CA SER B 126 18.40 14.01 -6.60
C SER B 126 17.94 14.14 -8.07
N LYS B 127 18.43 15.09 -8.88
CA LYS B 127 18.04 15.06 -10.34
C LYS B 127 18.79 13.95 -11.07
N LYS B 128 20.08 13.79 -10.75
CA LYS B 128 20.95 12.71 -11.28
C LYS B 128 20.13 11.42 -11.33
N ASN B 129 19.49 11.06 -10.22
CA ASN B 129 18.83 9.74 -10.02
C ASN B 129 17.67 9.53 -11.00
N VAL B 130 16.76 10.49 -11.14
CA VAL B 130 15.62 10.34 -12.08
C VAL B 130 16.19 10.09 -13.48
N ASP B 131 17.26 10.78 -13.87
CA ASP B 131 17.81 10.59 -15.24
C ASP B 131 18.43 9.21 -15.35
N ILE B 132 19.15 8.74 -14.34
CA ILE B 132 19.76 7.39 -14.39
C ILE B 132 18.64 6.35 -14.47
N ALA B 133 17.59 6.52 -13.67
CA ALA B 133 16.39 5.66 -13.66
C ALA B 133 15.82 5.59 -15.07
N VAL B 134 15.69 6.72 -15.76
CA VAL B 134 15.13 6.75 -17.14
C VAL B 134 16.04 5.93 -18.08
N SER B 135 17.37 6.07 -18.00
CA SER B 135 18.31 5.32 -18.86
C SER B 135 18.23 3.82 -18.60
N SER B 136 18.01 3.40 -17.35
CA SER B 136 18.17 1.99 -16.96
C SER B 136 16.84 1.26 -17.09
N SER B 137 15.71 1.98 -17.00
CA SER B 137 14.35 1.37 -16.84
C SER B 137 13.92 0.85 -18.20
N SER B 138 13.42 -0.37 -18.28
CA SER B 138 12.79 -0.91 -19.51
C SER B 138 11.33 -0.44 -19.59
N LYS B 139 10.86 0.39 -18.65
CA LYS B 139 9.45 0.83 -18.59
C LYS B 139 9.38 2.33 -18.39
N PRO B 140 8.26 2.93 -18.79
CA PRO B 140 8.10 4.37 -18.69
C PRO B 140 8.16 4.82 -17.23
N ILE B 141 8.71 6.01 -17.04
CA ILE B 141 8.79 6.67 -15.71
C ILE B 141 8.05 8.00 -15.79
N ILE B 142 7.24 8.26 -14.79
CA ILE B 142 6.69 9.61 -14.58
C ILE B 142 7.38 10.21 -13.36
N ASN B 143 8.13 11.27 -13.60
CA ASN B 143 8.75 12.10 -12.56
C ASN B 143 7.62 12.75 -11.77
N ALA B 144 7.57 12.50 -10.48
CA ALA B 144 6.62 13.11 -9.53
C ALA B 144 7.28 14.26 -8.79
N GLY B 145 8.54 14.56 -9.11
CA GLY B 145 9.29 15.72 -8.57
C GLY B 145 10.74 15.38 -8.25
N ASN B 146 11.67 16.27 -8.61
CA ASN B 146 13.11 16.16 -8.21
C ASN B 146 13.66 17.55 -7.88
N GLY B 147 14.90 17.58 -7.34
CA GLY B 147 15.66 18.76 -6.83
C GLY B 147 15.81 19.90 -7.82
N THR B 148 15.94 19.60 -9.13
CA THR B 148 16.06 20.64 -10.19
C THR B 148 14.72 21.30 -10.50
N GLY B 149 13.68 20.99 -9.74
CA GLY B 149 12.40 21.70 -9.87
C GLY B 149 11.54 21.16 -11.00
N GLU B 150 11.97 20.11 -11.70
CA GLU B 150 11.11 19.40 -12.69
C GLU B 150 9.98 18.71 -11.93
N HIS B 151 8.73 18.99 -12.33
CA HIS B 151 7.53 18.39 -11.70
C HIS B 151 6.41 18.51 -12.70
N PRO B 152 6.43 17.74 -13.80
CA PRO B 152 5.57 18.05 -14.93
C PRO B 152 4.07 17.92 -14.66
N THR B 153 3.63 17.00 -13.80
CA THR B 153 2.18 16.85 -13.48
C THR B 153 1.69 18.06 -12.68
N GLN B 154 2.54 18.72 -11.89
CA GLN B 154 2.17 19.99 -11.22
C GLN B 154 1.98 21.09 -12.27
N SER B 155 2.91 21.26 -13.20
CA SER B 155 2.76 22.19 -14.35
C SER B 155 1.48 21.88 -15.09
N LEU B 156 1.22 20.58 -15.40
CA LEU B 156 0.05 20.16 -16.20
C LEU B 156 -1.25 20.49 -15.42
N LEU B 157 -1.33 20.22 -14.12
CA LEU B 157 -2.59 20.50 -13.37
C LEU B 157 -2.74 22.02 -13.16
N ASP B 158 -1.64 22.75 -12.94
CA ASP B 158 -1.67 24.25 -12.91
C ASP B 158 -2.31 24.76 -14.21
N PHE B 159 -1.83 24.28 -15.37
CA PHE B 159 -2.25 24.74 -16.71
C PHE B 159 -3.72 24.36 -16.91
N TYR B 160 -4.09 23.13 -16.55
CA TYR B 160 -5.47 22.63 -16.73
C TYR B 160 -6.40 23.57 -15.96
N THR B 161 -5.99 23.96 -14.76
CA THR B 161 -6.82 24.80 -13.86
C THR B 161 -7.03 26.18 -14.54
N ILE B 162 -5.93 26.80 -14.97
CA ILE B 162 -5.94 28.11 -15.68
C ILE B 162 -6.84 28.02 -16.93
N HIS B 163 -6.67 26.99 -17.76
CA HIS B 163 -7.41 26.79 -19.03
C HIS B 163 -8.90 26.63 -18.75
N ASN B 164 -9.29 26.12 -17.58
CA ASN B 164 -10.72 26.00 -17.25
C ASN B 164 -11.40 27.37 -17.14
N TYR B 165 -10.73 28.39 -16.61
CA TYR B 165 -11.35 29.73 -16.43
C TYR B 165 -11.00 30.65 -17.61
N PHE B 166 -9.93 30.36 -18.37
CA PHE B 166 -9.37 31.24 -19.44
C PHE B 166 -8.98 30.39 -20.63
N PRO B 167 -9.96 29.70 -21.25
CA PRO B 167 -9.65 28.74 -22.30
C PRO B 167 -8.96 29.35 -23.52
N PHE B 168 -8.96 30.67 -23.65
CA PHE B 168 -8.27 31.38 -24.76
C PHE B 168 -6.74 31.29 -24.65
N ILE B 169 -6.12 30.84 -23.52
CA ILE B 169 -4.62 30.69 -23.47
C ILE B 169 -4.24 29.82 -24.66
N LEU B 170 -5.07 28.86 -25.08
CA LEU B 170 -4.69 27.85 -26.12
C LEU B 170 -4.67 28.49 -27.51
N ASP B 171 -5.33 29.62 -27.72
CA ASP B 171 -5.59 30.10 -29.11
C ASP B 171 -4.35 30.72 -29.77
N ARG B 172 -3.35 31.16 -29.02
CA ARG B 172 -2.23 31.94 -29.59
C ARG B 172 -2.78 33.05 -30.49
N ASN B 173 -3.71 33.83 -29.94
CA ASN B 173 -4.37 34.98 -30.61
C ASN B 173 -3.76 36.27 -30.06
N ILE B 174 -3.26 37.15 -30.90
CA ILE B 174 -2.48 38.35 -30.50
C ILE B 174 -3.36 39.24 -29.61
N ASN B 175 -4.67 39.20 -29.84
CA ASN B 175 -5.71 40.03 -29.18
C ASN B 175 -6.24 39.41 -27.90
N LYS B 176 -5.84 38.20 -27.53
CA LYS B 176 -6.37 37.49 -26.35
C LYS B 176 -5.18 37.01 -25.50
N LYS B 177 -4.63 37.91 -24.70
CA LYS B 177 -3.42 37.78 -23.86
C LYS B 177 -3.85 37.45 -22.42
N LEU B 178 -3.25 36.46 -21.80
CA LEU B 178 -3.45 36.16 -20.37
C LEU B 178 -2.32 36.82 -19.57
N ASN B 179 -2.69 37.45 -18.48
CA ASN B 179 -1.76 38.16 -17.58
C ASN B 179 -1.75 37.40 -16.27
N ILE B 180 -0.58 36.95 -15.81
CA ILE B 180 -0.49 36.17 -14.56
C ILE B 180 0.47 36.88 -13.62
N ALA B 181 0.14 37.00 -12.36
CA ALA B 181 1.10 37.44 -11.32
C ALA B 181 1.59 36.20 -10.55
N PHE B 182 2.91 36.01 -10.54
CA PHE B 182 3.60 35.01 -9.69
C PHE B 182 4.11 35.77 -8.46
N VAL B 183 3.74 35.30 -7.27
CA VAL B 183 3.90 36.05 -5.99
C VAL B 183 4.66 35.19 -4.97
N GLY B 184 5.74 35.75 -4.42
CA GLY B 184 6.34 35.33 -3.14
C GLY B 184 7.80 34.98 -3.31
N ASP B 185 8.16 33.72 -3.14
CA ASP B 185 9.56 33.26 -3.28
C ASP B 185 9.71 32.64 -4.66
N LEU B 186 10.13 33.47 -5.60
CA LEU B 186 10.23 33.13 -7.03
C LEU B 186 11.58 32.50 -7.35
N LYS B 187 12.59 32.73 -6.50
CA LYS B 187 13.90 32.01 -6.53
C LYS B 187 13.70 30.52 -6.24
N ASN B 188 12.96 30.18 -5.17
CA ASN B 188 12.84 28.78 -4.66
C ASN B 188 11.53 28.13 -5.09
N GLY B 189 10.52 28.88 -5.54
CA GLY B 189 9.24 28.31 -6.01
C GLY B 189 9.38 27.72 -7.41
N ARG B 190 9.83 26.47 -7.47
CA ARG B 190 10.26 25.82 -8.71
C ARG B 190 9.01 25.55 -9.52
N THR B 191 7.89 25.46 -8.84
CA THR B 191 6.56 25.25 -9.46
C THR B 191 6.29 26.43 -10.43
N VAL B 192 6.77 27.62 -10.07
CA VAL B 192 6.70 28.84 -10.90
C VAL B 192 7.57 28.64 -12.15
N HIS B 193 8.80 28.16 -11.98
CA HIS B 193 9.78 27.99 -13.06
C HIS B 193 9.16 27.12 -14.15
N SER B 194 8.61 25.96 -13.74
CA SER B 194 8.01 24.97 -14.67
C SER B 194 6.78 25.59 -15.38
N LEU B 195 5.88 26.21 -14.62
CA LEU B 195 4.59 26.71 -15.19
C LEU B 195 4.90 27.87 -16.16
N SER B 196 5.80 28.80 -15.77
CA SER B 196 6.34 29.88 -16.61
C SER B 196 6.78 29.32 -17.96
N LYS B 197 7.60 28.29 -17.95
CA LYS B 197 8.17 27.66 -19.16
C LYS B 197 6.99 27.25 -20.05
N LEU B 198 5.96 26.65 -19.46
CA LEU B 198 4.82 26.12 -20.23
C LEU B 198 3.93 27.29 -20.70
N LEU B 199 3.60 28.27 -19.85
CA LEU B 199 2.76 29.44 -20.20
C LEU B 199 3.44 30.25 -21.34
N SER B 200 4.76 30.36 -21.40
CA SER B 200 5.50 31.19 -22.40
C SER B 200 5.39 30.63 -23.82
N ARG B 201 4.79 29.44 -23.96
CA ARG B 201 4.51 28.77 -25.25
C ARG B 201 3.27 29.45 -25.82
N TYR B 202 2.64 30.36 -25.07
CA TYR B 202 1.31 30.95 -25.37
C TYR B 202 1.38 32.49 -25.22
N ASN B 203 0.24 33.14 -25.45
CA ASN B 203 0.19 34.62 -25.46
C ASN B 203 -0.03 35.02 -24.02
N VAL B 204 1.07 35.20 -23.30
CA VAL B 204 1.03 35.43 -21.84
C VAL B 204 2.00 36.55 -21.46
N SER B 205 1.61 37.25 -20.42
CA SER B 205 2.30 38.40 -19.80
C SER B 205 2.51 38.10 -18.31
N PHE B 206 3.68 38.39 -17.79
CA PHE B 206 4.13 37.92 -16.45
C PHE B 206 4.44 39.11 -15.54
N ASN B 207 3.78 39.14 -14.39
CA ASN B 207 4.21 39.97 -13.24
C ASN B 207 4.92 39.08 -12.21
N PHE B 208 6.21 39.33 -11.97
CA PHE B 208 7.02 38.65 -10.92
C PHE B 208 7.05 39.56 -9.70
N VAL B 209 6.21 39.20 -8.72
CA VAL B 209 6.03 39.96 -7.45
C VAL B 209 6.85 39.30 -6.34
N SER B 210 7.96 39.91 -5.89
CA SER B 210 8.92 39.34 -4.93
C SER B 210 9.78 40.43 -4.31
N CYS B 211 10.55 40.09 -3.27
CA CYS B 211 11.45 41.05 -2.58
C CYS B 211 12.90 40.61 -2.71
N LYS B 212 13.55 41.37 -3.58
CA LYS B 212 15.01 41.56 -3.77
C LYS B 212 15.69 40.19 -3.76
N SER B 213 15.89 39.63 -2.56
CA SER B 213 16.65 38.36 -2.33
C SER B 213 16.08 37.19 -3.18
N LEU B 214 14.77 37.22 -3.49
CA LEU B 214 13.94 36.04 -3.83
C LEU B 214 13.19 36.20 -5.17
N ASN B 215 13.82 36.85 -6.15
CA ASN B 215 13.22 37.18 -7.45
C ASN B 215 13.39 35.99 -8.38
N ILE B 216 12.63 36.01 -9.46
CA ILE B 216 12.70 34.95 -10.51
C ILE B 216 14.13 34.86 -11.06
N PRO B 217 14.72 33.67 -11.26
CA PRO B 217 16.10 33.59 -11.77
C PRO B 217 16.22 34.05 -13.24
N LYS B 218 17.39 34.58 -13.63
CA LYS B 218 17.66 35.06 -15.00
C LYS B 218 17.42 33.95 -16.04
N ASP B 219 17.81 32.71 -15.76
CA ASP B 219 17.72 31.62 -16.78
C ASP B 219 16.24 31.39 -17.14
N ILE B 220 15.32 31.54 -16.18
CA ILE B 220 13.85 31.33 -16.42
C ILE B 220 13.34 32.50 -17.26
N VAL B 221 13.75 33.72 -16.95
CA VAL B 221 13.34 34.94 -17.70
C VAL B 221 13.81 34.82 -19.16
N ASN B 222 14.99 34.25 -19.37
CA ASN B 222 15.53 34.05 -20.74
C ASN B 222 14.71 33.02 -21.50
N THR B 223 14.31 31.94 -20.84
CA THR B 223 13.46 30.90 -21.45
C THR B 223 12.12 31.53 -21.84
N ILE B 224 11.55 32.37 -20.97
CA ILE B 224 10.20 32.93 -21.21
C ILE B 224 10.34 33.81 -22.45
N THR B 225 11.38 34.62 -22.46
CA THR B 225 11.63 35.63 -23.51
C THR B 225 11.77 34.90 -24.84
N TYR B 226 12.55 33.83 -24.85
CA TYR B 226 12.80 33.03 -26.07
C TYR B 226 11.47 32.44 -26.57
N ASN B 227 10.68 31.82 -25.71
CA ASN B 227 9.39 31.20 -26.11
C ASN B 227 8.37 32.24 -26.60
N LEU B 228 8.36 33.42 -26.00
CA LEU B 228 7.45 34.51 -26.42
C LEU B 228 7.92 35.05 -27.78
N LYS B 229 9.21 35.28 -27.99
CA LYS B 229 9.75 35.77 -29.28
C LYS B 229 9.42 34.75 -30.37
N LYS B 230 9.48 33.47 -30.07
CA LYS B 230 9.29 32.43 -31.12
C LYS B 230 7.85 32.50 -31.64
N ASN B 231 6.86 32.93 -30.85
CA ASN B 231 5.42 32.99 -31.25
C ASN B 231 4.95 34.43 -31.49
N ASN B 232 5.89 35.38 -31.59
CA ASN B 232 5.64 36.81 -31.88
C ASN B 232 4.69 37.39 -30.82
N PHE B 233 4.93 37.13 -29.54
CA PHE B 233 4.20 37.67 -28.36
C PHE B 233 5.13 38.43 -27.39
N TYR B 234 6.36 38.71 -27.78
CA TYR B 234 7.33 39.36 -26.86
C TYR B 234 7.24 40.85 -27.09
N SER B 235 7.08 41.64 -26.02
CA SER B 235 7.23 43.14 -25.97
C SER B 235 7.92 43.54 -24.67
N ASP B 236 8.16 44.84 -24.50
CA ASP B 236 8.78 45.44 -23.29
C ASP B 236 7.85 45.22 -22.10
N ASP B 237 6.57 44.94 -22.39
CA ASP B 237 5.49 44.72 -21.40
C ASP B 237 5.32 43.23 -21.06
N SER B 238 6.07 42.34 -21.69
CA SER B 238 5.86 40.88 -21.53
C SER B 238 6.17 40.47 -20.09
N ILE B 239 7.20 41.05 -19.48
CA ILE B 239 7.67 40.71 -18.12
C ILE B 239 7.84 41.99 -17.32
N LYS B 240 7.04 42.19 -16.29
CA LYS B 240 7.18 43.33 -15.34
C LYS B 240 7.59 42.76 -13.97
N TYR B 241 8.32 43.53 -13.17
CA TYR B 241 8.80 43.14 -11.81
C TYR B 241 8.27 44.11 -10.75
N PHE B 242 7.57 43.63 -9.73
CA PHE B 242 7.07 44.47 -8.62
C PHE B 242 7.57 43.92 -7.28
N ASP B 243 7.70 44.79 -6.28
CA ASP B 243 8.12 44.42 -4.90
C ASP B 243 6.96 44.59 -3.91
N ASN B 244 5.72 44.70 -4.40
CA ASN B 244 4.50 44.93 -3.57
C ASN B 244 3.24 44.49 -4.34
N LEU B 245 2.21 44.11 -3.59
CA LEU B 245 0.94 43.55 -4.09
C LEU B 245 0.15 44.59 -4.89
N GLU B 246 -0.05 45.79 -4.36
CA GLU B 246 -1.09 46.69 -4.95
C GLU B 246 -0.76 46.92 -6.42
N GLU B 247 0.51 47.04 -6.83
CA GLU B 247 0.89 47.19 -8.26
C GLU B 247 0.89 45.84 -8.97
N GLY B 248 1.47 44.83 -8.34
CA GLY B 248 1.61 43.47 -8.90
C GLY B 248 0.28 42.83 -9.27
N LEU B 249 -0.79 43.07 -8.50
CA LEU B 249 -2.03 42.26 -8.65
C LEU B 249 -3.00 42.94 -9.64
N GLU B 250 -2.61 44.11 -10.15
CA GLU B 250 -3.46 44.94 -11.04
C GLU B 250 -3.59 44.29 -12.41
N ASP B 251 -4.81 44.10 -12.89
CA ASP B 251 -5.11 43.66 -14.26
C ASP B 251 -4.44 42.31 -14.57
N VAL B 252 -4.48 41.35 -13.64
CA VAL B 252 -4.00 39.97 -13.92
C VAL B 252 -5.20 39.01 -13.79
N HIS B 253 -5.35 38.08 -14.74
CA HIS B 253 -6.37 37.00 -14.76
C HIS B 253 -6.05 35.95 -13.69
N ILE B 254 -4.78 35.71 -13.46
CA ILE B 254 -4.32 34.65 -12.52
C ILE B 254 -3.37 35.28 -11.51
N ILE B 255 -3.61 34.97 -10.24
CA ILE B 255 -2.63 35.14 -9.14
C ILE B 255 -2.17 33.76 -8.68
N TYR B 256 -0.89 33.48 -8.81
CA TYR B 256 -0.28 32.22 -8.35
C TYR B 256 0.64 32.53 -7.16
N MET B 257 0.19 32.15 -5.97
CA MET B 257 0.97 32.37 -4.71
C MET B 257 1.93 31.18 -4.54
N THR B 258 3.15 31.40 -4.09
CA THR B 258 4.13 30.34 -3.79
C THR B 258 4.13 30.06 -2.28
N ARG B 259 4.80 28.99 -1.88
CA ARG B 259 5.10 28.71 -0.46
C ARG B 259 6.18 29.72 -0.07
N ILE B 260 6.13 30.23 1.16
CA ILE B 260 7.22 30.98 1.83
C ILE B 260 7.56 30.19 3.11
N GLN B 261 8.59 29.35 3.03
CA GLN B 261 9.13 28.55 4.17
C GLN B 261 10.09 29.43 4.99
N LYS B 262 9.85 29.58 6.30
CA LYS B 262 10.76 30.30 7.24
C LYS B 262 12.22 29.82 7.04
N GLU B 263 12.41 28.56 6.62
CA GLU B 263 13.75 27.89 6.48
C GLU B 263 14.64 28.68 5.52
N ARG B 264 14.11 29.75 4.90
CA ARG B 264 14.68 30.36 3.68
C ARG B 264 15.34 31.71 3.94
N PHE B 265 15.18 32.27 5.14
CA PHE B 265 15.67 33.61 5.55
C PHE B 265 16.92 33.40 6.42
N THR B 266 17.49 34.47 6.98
CA THR B 266 18.64 34.36 7.90
C THR B 266 18.10 34.14 9.32
N ASP B 267 16.95 34.75 9.66
CA ASP B 267 16.25 34.59 10.98
C ASP B 267 14.73 34.56 10.77
N VAL B 268 13.99 34.33 11.87
CA VAL B 268 12.50 34.25 11.88
C VAL B 268 11.95 35.67 11.70
N ASP B 269 12.69 36.68 12.20
CA ASP B 269 12.44 38.13 11.97
C ASP B 269 12.19 38.35 10.47
N GLU B 270 13.23 38.11 9.67
CA GLU B 270 13.32 38.58 8.26
C GLU B 270 12.18 37.89 7.49
N TYR B 271 11.87 36.63 7.86
CA TYR B 271 10.78 35.76 7.35
C TYR B 271 9.38 36.34 7.61
N ASN B 272 9.12 36.88 8.81
CA ASN B 272 7.79 37.42 9.22
C ASN B 272 7.50 38.75 8.50
N GLN B 273 8.52 39.58 8.23
CA GLN B 273 8.44 40.83 7.42
C GLN B 273 8.38 40.51 5.93
N TYR B 274 8.52 39.25 5.51
CA TYR B 274 8.36 38.82 4.09
C TYR B 274 6.93 38.25 3.88
N LYS B 275 6.50 37.25 4.65
CA LYS B 275 5.06 37.17 5.02
C LYS B 275 4.68 38.59 5.47
N ASN B 276 3.41 38.87 5.72
CA ASN B 276 2.89 40.25 5.94
C ASN B 276 3.01 41.02 4.61
N ALA B 277 4.21 41.29 4.11
CA ALA B 277 4.38 42.04 2.85
C ALA B 277 3.55 41.35 1.73
N PHE B 278 3.62 40.03 1.58
CA PHE B 278 3.00 39.34 0.44
C PHE B 278 1.83 38.47 0.88
N ILE B 279 1.28 38.63 2.08
CA ILE B 279 0.11 37.83 2.51
C ILE B 279 -1.16 38.31 1.79
N LEU B 280 -1.88 37.37 1.19
CA LEU B 280 -3.12 37.61 0.41
C LEU B 280 -4.31 37.67 1.38
N SER B 281 -5.13 38.73 1.27
CA SER B 281 -6.36 38.95 2.08
C SER B 281 -7.47 39.48 1.16
N ASN B 282 -8.72 39.50 1.63
CA ASN B 282 -9.86 40.13 0.90
C ASN B 282 -9.54 41.61 0.62
N LYS B 283 -8.85 42.29 1.54
CA LYS B 283 -8.42 43.71 1.35
C LYS B 283 -7.50 43.80 0.13
N THR B 284 -6.44 43.00 0.08
CA THR B 284 -5.43 43.06 -1.01
C THR B 284 -6.08 42.62 -2.33
N LEU B 285 -7.25 41.99 -2.31
CA LEU B 285 -7.87 41.46 -3.56
C LEU B 285 -8.94 42.39 -4.14
N GLU B 286 -9.27 43.50 -3.48
CA GLU B 286 -10.38 44.39 -3.92
C GLU B 286 -10.08 45.05 -5.28
N ASN B 287 -8.81 45.35 -5.61
CA ASN B 287 -8.43 46.06 -6.86
C ASN B 287 -7.83 45.08 -7.86
N THR B 288 -8.32 43.86 -7.84
CA THR B 288 -8.08 42.84 -8.89
C THR B 288 -9.31 42.81 -9.79
N ARG B 289 -9.17 42.22 -10.98
CA ARG B 289 -10.28 42.05 -11.95
C ARG B 289 -11.34 41.16 -11.29
N ASP B 290 -12.57 41.23 -11.79
CA ASP B 290 -13.66 40.42 -11.19
C ASP B 290 -13.38 38.97 -11.51
N ASP B 291 -12.71 38.69 -12.64
CA ASP B 291 -12.53 37.32 -13.17
C ASP B 291 -11.25 36.68 -12.62
N THR B 292 -10.49 37.36 -11.79
CA THR B 292 -9.19 36.85 -11.29
C THR B 292 -9.37 35.54 -10.52
N LYS B 293 -8.50 34.57 -10.76
CA LYS B 293 -8.52 33.28 -10.05
C LYS B 293 -7.15 33.13 -9.36
N ILE B 294 -7.19 32.58 -8.14
CA ILE B 294 -6.03 32.45 -7.20
C ILE B 294 -5.62 30.99 -7.14
N LEU B 295 -4.40 30.70 -7.58
CA LEU B 295 -3.82 29.35 -7.47
C LEU B 295 -2.76 29.40 -6.37
N HIS B 296 -2.40 28.20 -5.90
CA HIS B 296 -1.37 27.96 -4.88
C HIS B 296 -1.09 26.47 -4.89
N PRO B 297 0.16 26.03 -5.12
CA PRO B 297 0.47 24.61 -5.29
C PRO B 297 0.23 23.82 -4.01
N LEU B 298 0.15 24.52 -2.87
CA LEU B 298 -0.14 24.02 -1.50
C LEU B 298 1.05 23.22 -1.03
N PRO B 299 1.23 23.02 0.30
CA PRO B 299 0.31 23.52 1.32
C PRO B 299 0.40 25.03 1.48
N ARG B 300 -0.73 25.65 1.81
CA ARG B 300 -0.80 27.07 2.20
C ARG B 300 -0.50 27.01 3.70
N VAL B 301 0.38 27.88 4.20
CA VAL B 301 0.60 28.12 5.65
C VAL B 301 0.04 29.51 5.94
N ASN B 302 0.83 30.58 5.80
CA ASN B 302 0.33 31.96 6.10
C ASN B 302 0.14 32.79 4.83
N GLU B 303 0.59 32.30 3.66
CA GLU B 303 0.61 33.07 2.37
C GLU B 303 -0.76 33.62 2.01
N ILE B 304 -1.84 32.89 2.32
CA ILE B 304 -3.26 33.24 1.98
C ILE B 304 -4.12 33.07 3.23
N LYS B 305 -4.75 34.15 3.70
CA LYS B 305 -5.64 34.13 4.90
C LYS B 305 -6.88 33.25 4.64
N VAL B 306 -7.26 32.45 5.64
CA VAL B 306 -8.43 31.53 5.59
C VAL B 306 -9.70 32.25 5.09
N GLU B 307 -9.86 33.55 5.33
CA GLU B 307 -11.05 34.32 4.86
C GLU B 307 -11.15 34.24 3.33
N VAL B 308 -10.03 34.16 2.61
CA VAL B 308 -10.00 34.18 1.11
C VAL B 308 -10.62 32.88 0.55
N ASP B 309 -10.63 31.79 1.32
CA ASP B 309 -11.23 30.49 0.92
C ASP B 309 -12.71 30.71 0.51
N SER B 310 -13.39 31.66 1.15
CA SER B 310 -14.82 32.00 0.90
C SER B 310 -14.93 32.91 -0.30
N ASN B 311 -13.85 33.58 -0.66
CA ASN B 311 -13.81 34.50 -1.82
C ASN B 311 -13.92 33.65 -3.07
N PRO B 312 -14.93 33.87 -3.95
CA PRO B 312 -15.11 33.03 -5.14
C PRO B 312 -13.92 33.11 -6.12
N LYS B 313 -13.03 34.09 -5.93
CA LYS B 313 -11.77 34.14 -6.70
C LYS B 313 -10.81 32.99 -6.32
N SER B 314 -10.94 32.38 -5.16
CA SER B 314 -9.98 31.33 -4.73
C SER B 314 -10.28 30.00 -5.43
N VAL B 315 -9.29 29.33 -6.03
CA VAL B 315 -9.48 28.01 -6.71
C VAL B 315 -8.36 27.01 -6.32
N TYR B 316 -7.52 27.36 -5.35
CA TYR B 316 -6.35 26.54 -4.94
C TYR B 316 -6.81 25.13 -4.50
N PHE B 317 -8.01 24.95 -3.95
CA PHE B 317 -8.49 23.60 -3.52
C PHE B 317 -9.01 22.83 -4.73
N THR B 318 -9.70 23.49 -5.67
CA THR B 318 -10.10 22.87 -6.96
C THR B 318 -8.81 22.48 -7.72
N GLN B 319 -7.79 23.34 -7.65
CA GLN B 319 -6.48 23.12 -8.31
C GLN B 319 -5.91 21.76 -7.88
N ALA B 320 -5.85 21.51 -6.56
CA ALA B 320 -5.31 20.27 -5.95
C ALA B 320 -6.16 19.08 -6.41
N GLU B 321 -7.46 19.25 -6.37
CA GLU B 321 -8.44 18.25 -6.87
C GLU B 321 -8.14 17.95 -8.34
N ASN B 322 -7.89 18.96 -9.20
CA ASN B 322 -7.66 18.72 -10.66
C ASN B 322 -6.46 17.78 -10.88
N GLY B 323 -5.54 17.73 -9.94
CA GLY B 323 -4.38 16.84 -10.04
C GLY B 323 -4.83 15.39 -10.19
N LEU B 324 -5.91 14.99 -9.52
CA LEU B 324 -6.46 13.63 -9.71
C LEU B 324 -6.75 13.43 -11.21
N TYR B 325 -7.52 14.31 -11.82
CA TYR B 325 -8.03 14.14 -13.20
C TYR B 325 -6.87 14.21 -14.18
N VAL B 326 -5.90 15.08 -13.95
CA VAL B 326 -4.75 15.25 -14.88
C VAL B 326 -3.82 14.02 -14.82
N ARG B 327 -3.59 13.43 -13.64
CA ARG B 327 -2.72 12.25 -13.44
C ARG B 327 -3.42 11.02 -14.01
N MET B 328 -4.73 10.87 -13.81
CA MET B 328 -5.54 9.84 -14.50
C MET B 328 -5.38 9.98 -16.02
N ALA B 329 -5.53 11.18 -16.57
CA ALA B 329 -5.45 11.42 -18.03
C ALA B 329 -4.07 10.96 -18.52
N LEU B 330 -3.03 11.46 -17.87
CA LEU B 330 -1.65 11.20 -18.35
C LEU B 330 -1.38 9.69 -18.31
N LEU B 331 -1.77 9.01 -17.23
CA LEU B 331 -1.56 7.55 -17.11
C LEU B 331 -2.31 6.84 -18.23
N TYR B 332 -3.56 7.27 -18.49
CA TYR B 332 -4.42 6.60 -19.50
C TYR B 332 -3.70 6.67 -20.84
N LEU B 333 -3.20 7.85 -21.20
CA LEU B 333 -2.70 8.16 -22.56
C LEU B 333 -1.37 7.39 -22.76
N ILE B 334 -0.57 7.27 -21.73
CA ILE B 334 0.78 6.64 -21.78
C ILE B 334 0.68 5.11 -21.70
N PHE B 335 -0.13 4.57 -20.81
CA PHE B 335 -0.08 3.13 -20.43
C PHE B 335 -1.23 2.33 -21.03
N SER B 336 -2.21 2.92 -21.73
CA SER B 336 -3.10 2.07 -22.57
C SER B 336 -2.26 1.23 -23.54
N SER B 337 -2.57 -0.06 -23.64
CA SER B 337 -1.84 -1.06 -24.47
C SER B 337 -2.15 -0.86 -25.97
N THR B 338 -3.39 -0.51 -26.33
CA THR B 338 -3.75 0.28 -27.55
C THR B 338 -4.99 1.10 -27.22
N SER B 339 -5.50 1.83 -28.20
CA SER B 339 -6.76 2.62 -28.19
C SER B 339 -7.72 2.05 -29.25
N SER B 340 -9.03 2.10 -29.03
CA SER B 340 -10.04 2.01 -30.12
C SER B 340 -10.95 3.24 -30.04
N ALA B 341 -11.59 3.65 -31.13
CA ALA B 341 -12.59 4.75 -31.15
C ALA B 341 -13.38 4.73 -29.82
N TRP B 342 -14.01 3.59 -29.56
CA TRP B 342 -15.08 3.42 -28.54
C TRP B 342 -14.51 3.41 -27.11
N SER B 343 -13.21 3.24 -26.90
CA SER B 343 -12.67 2.93 -25.53
C SER B 343 -12.27 4.20 -24.76
N HIS B 344 -12.25 5.39 -25.38
CA HIS B 344 -11.75 6.62 -24.69
C HIS B 344 -12.83 7.14 -23.76
N PRO B 345 -12.43 7.81 -22.67
CA PRO B 345 -13.39 8.56 -21.86
C PRO B 345 -14.18 9.62 -22.66
N GLN B 346 -15.50 9.64 -22.43
CA GLN B 346 -16.53 10.64 -22.86
C GLN B 346 -17.49 10.97 -21.68
N PHE C 2 -37.52 -11.04 4.53
CA PHE C 2 -36.58 -11.01 3.38
C PHE C 2 -35.17 -10.86 3.96
N TYR C 3 -35.03 -9.91 4.86
CA TYR C 3 -33.87 -9.78 5.76
C TYR C 3 -34.43 -9.94 7.15
N ILE C 4 -33.97 -10.96 7.84
CA ILE C 4 -34.51 -11.34 9.18
C ILE C 4 -33.27 -11.66 10.02
N ASN C 5 -33.30 -11.35 11.32
CA ASN C 5 -32.18 -11.47 12.29
C ASN C 5 -32.46 -12.60 13.32
N SER C 6 -32.66 -13.84 12.83
CA SER C 6 -33.33 -14.99 13.53
C SER C 6 -34.87 -14.78 13.55
N LYS C 7 -35.34 -13.66 14.11
CA LYS C 7 -36.79 -13.30 14.14
C LYS C 7 -37.08 -11.79 14.04
N TYR C 8 -36.11 -10.87 13.86
CA TYR C 8 -36.38 -9.42 13.58
C TYR C 8 -36.19 -9.09 12.09
N LYS C 9 -37.26 -8.62 11.47
CA LYS C 9 -37.31 -8.21 10.04
C LYS C 9 -36.61 -6.86 9.91
N ILE C 10 -35.68 -6.73 8.98
CA ILE C 10 -34.80 -5.54 8.79
C ILE C 10 -35.11 -4.94 7.41
N ASP C 11 -35.57 -3.68 7.33
CA ASP C 11 -35.70 -2.97 6.02
C ASP C 11 -34.33 -2.40 5.68
N LEU C 12 -33.44 -3.28 5.22
CA LEU C 12 -32.01 -3.01 4.94
C LEU C 12 -31.91 -1.86 3.91
N ASP C 13 -32.76 -1.85 2.88
CA ASP C 13 -32.89 -0.71 1.94
C ASP C 13 -33.14 0.59 2.70
N LYS C 14 -34.21 0.66 3.53
CA LYS C 14 -34.60 1.88 4.28
C LYS C 14 -33.40 2.33 5.12
N ILE C 15 -32.80 1.39 5.85
CA ILE C 15 -31.70 1.68 6.82
C ILE C 15 -30.43 2.16 6.08
N MET C 16 -30.20 1.67 4.86
CA MET C 16 -29.04 2.07 4.06
C MET C 16 -29.25 3.48 3.51
N THR C 17 -30.44 3.80 2.99
CA THR C 17 -30.77 5.16 2.48
C THR C 17 -30.42 6.19 3.56
N LYS C 18 -30.62 5.82 4.81
CA LYS C 18 -30.32 6.65 6.01
C LYS C 18 -28.81 6.61 6.33
N MET C 19 -28.12 5.46 6.24
CA MET C 19 -26.70 5.36 6.64
C MET C 19 -25.78 5.85 5.52
N LYS C 20 -26.26 5.92 4.28
CA LYS C 20 -25.46 6.36 3.10
C LYS C 20 -24.63 7.59 3.48
N ASN C 21 -23.31 7.51 3.34
CA ASN C 21 -22.41 8.68 3.47
C ASN C 21 -22.44 9.29 4.88
N LYS C 22 -22.79 8.48 5.86
CA LYS C 22 -22.77 8.87 7.28
C LYS C 22 -21.34 8.66 7.76
N SER C 23 -20.80 9.60 8.53
CA SER C 23 -19.55 9.37 9.29
C SER C 23 -19.87 8.60 10.58
N VAL C 24 -18.97 7.75 11.03
CA VAL C 24 -19.13 6.98 12.29
C VAL C 24 -17.89 7.21 13.15
N ILE C 25 -18.04 8.09 14.13
CA ILE C 25 -16.96 8.61 15.00
C ILE C 25 -17.07 7.97 16.38
N ASN C 26 -18.30 7.79 16.82
CA ASN C 26 -18.69 7.46 18.22
C ASN C 26 -19.71 6.34 18.13
N ILE C 27 -19.74 5.41 19.10
CA ILE C 27 -20.81 4.36 19.05
C ILE C 27 -22.23 4.98 19.13
N ASP C 28 -22.42 6.18 19.68
CA ASP C 28 -23.75 6.84 19.71
C ASP C 28 -24.16 7.33 18.31
N ASP C 29 -23.30 7.24 17.29
CA ASP C 29 -23.68 7.58 15.89
C ASP C 29 -24.48 6.44 15.26
N VAL C 30 -24.64 5.35 15.99
CA VAL C 30 -25.30 4.11 15.49
C VAL C 30 -26.53 3.93 16.33
N ASP C 31 -27.72 3.94 15.72
CA ASP C 31 -28.97 3.78 16.49
C ASP C 31 -29.38 2.30 16.43
N ASP C 32 -30.53 1.97 17.02
CA ASP C 32 -31.09 0.61 17.10
C ASP C 32 -31.15 -0.06 15.72
N GLU C 33 -31.87 0.55 14.77
CA GLU C 33 -32.06 0.03 13.38
C GLU C 33 -30.69 -0.17 12.71
N GLU C 34 -29.77 0.77 12.94
CA GLU C 34 -28.43 0.73 12.30
C GLU C 34 -27.66 -0.44 12.89
N LEU C 35 -27.75 -0.64 14.20
CA LEU C 35 -27.11 -1.78 14.88
C LEU C 35 -27.67 -3.09 14.30
N LEU C 36 -28.98 -3.21 14.14
CA LEU C 36 -29.59 -4.43 13.57
C LEU C 36 -29.01 -4.65 12.15
N ALA C 37 -28.94 -3.60 11.34
CA ALA C 37 -28.42 -3.72 9.96
C ALA C 37 -26.94 -4.18 10.02
N ILE C 38 -26.17 -3.62 10.95
CA ILE C 38 -24.72 -3.94 11.07
C ILE C 38 -24.61 -5.41 11.49
N LEU C 39 -25.47 -5.87 12.41
CA LEU C 39 -25.40 -7.26 12.92
C LEU C 39 -25.83 -8.22 11.81
N TYR C 40 -26.88 -7.90 11.06
CA TYR C 40 -27.37 -8.75 9.94
C TYR C 40 -26.27 -8.89 8.87
N THR C 41 -25.68 -7.77 8.48
CA THR C 41 -24.72 -7.68 7.35
C THR C 41 -23.42 -8.39 7.74
N SER C 42 -22.94 -8.16 8.95
CA SER C 42 -21.74 -8.79 9.54
C SER C 42 -21.92 -10.31 9.47
N LYS C 43 -23.08 -10.80 9.88
CA LYS C 43 -23.43 -12.24 9.87
C LYS C 43 -23.32 -12.77 8.44
N GLN C 44 -23.77 -12.02 7.45
CA GLN C 44 -23.73 -12.53 6.05
C GLN C 44 -22.27 -12.68 5.65
N PHE C 45 -21.45 -11.65 5.94
CA PHE C 45 -20.01 -11.66 5.57
C PHE C 45 -19.36 -12.83 6.32
N GLU C 46 -19.74 -13.07 7.56
CA GLU C 46 -19.22 -14.25 8.29
C GLU C 46 -19.51 -15.54 7.49
N LYS C 47 -20.73 -15.74 7.00
CA LYS C 47 -21.12 -17.03 6.38
C LYS C 47 -20.53 -17.11 4.99
N ILE C 48 -20.51 -15.98 4.28
CA ILE C 48 -19.96 -15.93 2.91
C ILE C 48 -18.46 -16.29 2.97
N LEU C 49 -17.67 -15.69 3.87
CA LEU C 49 -16.22 -15.93 3.90
C LEU C 49 -15.93 -17.34 4.41
N LYS C 50 -16.63 -17.79 5.46
CA LYS C 50 -16.42 -19.14 6.01
C LYS C 50 -16.71 -20.18 4.92
N ASN C 51 -17.57 -19.89 3.94
CA ASN C 51 -17.94 -20.84 2.87
C ASN C 51 -17.19 -20.53 1.58
N ASN C 52 -16.17 -19.67 1.62
CA ASN C 52 -15.37 -19.29 0.42
C ASN C 52 -16.30 -18.86 -0.72
N GLU C 53 -17.33 -18.09 -0.44
CA GLU C 53 -18.15 -17.51 -1.53
C GLU C 53 -17.59 -16.11 -1.85
N ASP C 54 -17.97 -15.60 -3.01
CA ASP C 54 -17.63 -14.24 -3.46
C ASP C 54 -18.05 -13.18 -2.41
N SER C 55 -17.12 -12.35 -1.97
CA SER C 55 -17.30 -11.34 -0.91
C SER C 55 -17.36 -9.92 -1.52
N LYS C 56 -17.35 -9.82 -2.83
CA LYS C 56 -17.14 -8.50 -3.51
C LYS C 56 -18.46 -7.72 -3.63
N TYR C 57 -18.99 -7.21 -2.53
CA TYR C 57 -20.28 -6.48 -2.49
C TYR C 57 -20.04 -4.97 -2.56
N LEU C 58 -18.79 -4.53 -2.60
CA LEU C 58 -18.46 -3.10 -2.76
C LEU C 58 -17.16 -2.95 -3.55
N GLU C 59 -17.23 -3.20 -4.85
CA GLU C 59 -16.14 -2.98 -5.84
C GLU C 59 -16.21 -1.51 -6.21
N ASN C 60 -15.18 -0.99 -6.84
CA ASN C 60 -15.34 0.35 -7.48
C ASN C 60 -15.09 1.50 -6.49
N LYS C 61 -14.85 1.22 -5.22
CA LYS C 61 -14.54 2.29 -4.26
C LYS C 61 -13.02 2.37 -4.05
N VAL C 62 -12.56 3.57 -3.76
CA VAL C 62 -11.15 3.86 -3.40
C VAL C 62 -11.19 4.61 -2.08
N PHE C 63 -10.50 4.12 -1.08
CA PHE C 63 -10.47 4.63 0.31
C PHE C 63 -9.05 5.15 0.52
N CYS C 64 -8.92 6.07 1.47
CA CYS C 64 -7.65 6.43 2.11
C CYS C 64 -7.70 5.98 3.56
N SER C 65 -6.67 5.30 4.00
CA SER C 65 -6.50 4.89 5.39
C SER C 65 -5.36 5.73 5.95
N VAL C 66 -5.67 6.59 6.93
CA VAL C 66 -4.70 7.49 7.61
C VAL C 66 -4.52 7.01 9.04
N PHE C 67 -3.35 6.50 9.38
CA PHE C 67 -3.04 6.00 10.75
C PHE C 67 -1.87 6.81 11.28
N LEU C 68 -2.14 7.77 12.17
CA LEU C 68 -1.13 8.73 12.67
C LEU C 68 -0.64 8.31 14.05
N GLU C 69 -0.92 7.06 14.42
CA GLU C 69 -0.15 6.29 15.44
C GLU C 69 -0.12 4.85 14.96
N PRO C 70 0.90 4.07 15.40
CA PRO C 70 0.93 2.64 15.11
C PRO C 70 -0.32 2.00 15.75
N SER C 71 -1.17 1.39 14.96
CA SER C 71 -2.24 0.50 15.46
C SER C 71 -2.39 -0.57 14.38
N THR C 72 -1.31 -1.34 14.20
CA THR C 72 -1.09 -2.26 13.06
C THR C 72 -2.26 -3.27 12.96
N ARG C 73 -2.70 -3.89 14.05
CA ARG C 73 -3.79 -4.88 13.95
C ARG C 73 -5.03 -4.18 13.34
N THR C 74 -5.42 -3.02 13.86
CA THR C 74 -6.68 -2.31 13.48
C THR C 74 -6.57 -1.85 12.02
N ARG C 75 -5.42 -1.31 11.62
CA ARG C 75 -5.22 -0.88 10.22
C ARG C 75 -5.32 -2.06 9.26
N CYS C 76 -4.70 -3.18 9.61
CA CYS C 76 -4.69 -4.42 8.80
C CYS C 76 -6.14 -4.90 8.66
N SER C 77 -6.91 -4.74 9.71
CA SER C 77 -8.28 -5.28 9.77
C SER C 77 -9.11 -4.47 8.78
N PHE C 78 -8.92 -3.16 8.78
CA PHE C 78 -9.64 -2.25 7.85
C PHE C 78 -9.20 -2.49 6.42
N ASP C 79 -7.90 -2.57 6.17
CA ASP C 79 -7.34 -2.87 4.83
C ASP C 79 -7.98 -4.18 4.30
N ALA C 80 -8.00 -5.20 5.14
CA ALA C 80 -8.46 -6.54 4.74
C ALA C 80 -9.93 -6.42 4.40
N ALA C 81 -10.66 -5.61 5.14
CA ALA C 81 -12.12 -5.53 4.93
C ALA C 81 -12.36 -4.86 3.58
N ILE C 82 -11.65 -3.77 3.33
CA ILE C 82 -11.80 -3.02 2.05
C ILE C 82 -11.46 -3.95 0.90
N LEU C 83 -10.34 -4.66 1.01
CA LEU C 83 -9.85 -5.45 -0.12
C LEU C 83 -10.79 -6.64 -0.35
N LYS C 84 -11.26 -7.26 0.71
CA LYS C 84 -12.18 -8.42 0.63
C LYS C 84 -13.50 -8.02 -0.03
N LEU C 85 -13.96 -6.79 0.21
CA LEU C 85 -15.18 -6.23 -0.42
C LEU C 85 -14.93 -5.97 -1.89
N GLY C 86 -13.67 -5.97 -2.34
CA GLY C 86 -13.27 -5.77 -3.74
C GLY C 86 -12.91 -4.33 -4.06
N SER C 87 -12.87 -3.46 -3.06
CA SER C 87 -12.48 -2.05 -3.22
C SER C 87 -10.97 -1.91 -3.09
N LYS C 88 -10.47 -0.69 -3.14
CA LYS C 88 -9.03 -0.38 -3.20
C LYS C 88 -8.75 0.65 -2.12
N VAL C 89 -7.52 0.69 -1.64
CA VAL C 89 -7.14 1.62 -0.55
C VAL C 89 -5.71 2.09 -0.77
N LEU C 90 -5.51 3.38 -0.53
CA LEU C 90 -4.16 3.97 -0.38
C LEU C 90 -3.96 4.29 1.11
N ASN C 91 -2.73 4.12 1.57
CA ASN C 91 -2.37 4.06 3.01
C ASN C 91 -1.49 5.25 3.33
N ILE C 92 -1.75 5.89 4.46
CA ILE C 92 -0.76 6.77 5.15
C ILE C 92 -0.48 6.19 6.53
N THR C 93 0.74 5.68 6.75
CA THR C 93 1.15 4.99 8.02
C THR C 93 2.53 5.48 8.43
N ASP C 94 3.11 4.90 9.49
CA ASP C 94 4.50 5.15 10.01
C ASP C 94 4.70 6.69 10.13
N MET C 95 3.60 7.45 10.29
CA MET C 95 3.61 8.92 10.57
C MET C 95 2.89 9.12 11.90
N ASN C 96 3.19 10.25 12.57
CA ASN C 96 2.40 10.83 13.69
C ASN C 96 1.76 12.14 13.18
N SER C 97 0.87 12.73 13.97
CA SER C 97 0.14 13.98 13.69
C SER C 97 1.10 15.05 13.12
N THR C 98 2.23 15.35 13.77
CA THR C 98 3.08 16.53 13.43
C THR C 98 3.84 16.27 12.11
N SER C 99 4.33 15.06 11.87
CA SER C 99 5.10 14.68 10.64
C SER C 99 4.17 14.66 9.41
N PHE C 100 2.87 14.35 9.57
CA PHE C 100 1.88 14.31 8.46
C PHE C 100 1.36 15.73 8.15
N TYR C 101 0.96 16.51 9.15
CA TYR C 101 0.41 17.87 8.94
C TYR C 101 1.57 18.83 8.60
N LYS C 102 2.83 18.52 8.96
CA LYS C 102 4.00 19.39 8.70
C LYS C 102 3.50 20.84 8.76
N GLY C 103 2.74 21.20 9.80
CA GLY C 103 2.25 22.57 10.00
C GLY C 103 1.40 23.13 8.85
N GLU C 104 0.70 22.28 8.09
CA GLU C 104 -0.56 22.61 7.36
C GLU C 104 -1.75 22.20 8.24
N THR C 105 -2.88 22.85 8.11
CA THR C 105 -4.09 22.69 8.93
C THR C 105 -4.74 21.34 8.64
N VAL C 106 -5.34 20.75 9.64
CA VAL C 106 -6.14 19.51 9.50
C VAL C 106 -7.23 19.81 8.49
N GLU C 107 -7.78 21.02 8.52
CA GLU C 107 -8.96 21.36 7.69
C GLU C 107 -8.54 21.31 6.20
N ASP C 108 -7.41 21.92 5.83
CA ASP C 108 -6.88 21.94 4.45
C ASP C 108 -6.58 20.52 4.02
N ALA C 109 -5.99 19.72 4.91
CA ALA C 109 -5.49 18.38 4.52
C ALA C 109 -6.68 17.49 4.13
N PHE C 110 -7.76 17.54 4.91
CA PHE C 110 -8.94 16.65 4.71
C PHE C 110 -9.79 17.23 3.59
N LYS C 111 -9.73 18.53 3.38
CA LYS C 111 -10.46 19.17 2.27
C LYS C 111 -9.91 18.59 0.97
N ILE C 112 -8.59 18.50 0.85
CA ILE C 112 -7.88 18.05 -0.38
C ILE C 112 -8.03 16.54 -0.53
N LEU C 113 -7.68 15.81 0.53
CA LEU C 113 -7.63 14.35 0.52
C LEU C 113 -9.03 13.78 0.22
N SER C 114 -10.10 14.41 0.68
CA SER C 114 -11.47 13.91 0.43
C SER C 114 -11.87 14.14 -1.03
N THR C 115 -11.16 14.98 -1.81
CA THR C 115 -11.41 15.06 -3.27
C THR C 115 -10.79 13.85 -4.03
N TYR C 116 -9.92 13.06 -3.41
CA TYR C 116 -9.18 11.95 -4.06
C TYR C 116 -9.91 10.64 -3.91
N VAL C 117 -10.73 10.50 -2.88
CA VAL C 117 -11.26 9.17 -2.44
C VAL C 117 -12.75 9.23 -2.11
N ASP C 118 -13.36 8.06 -1.96
CA ASP C 118 -14.79 7.85 -1.59
C ASP C 118 -15.00 7.97 -0.08
N GLY C 119 -13.97 7.68 0.67
CA GLY C 119 -14.07 7.55 2.14
C GLY C 119 -12.72 7.51 2.79
N ILE C 120 -12.67 7.81 4.06
CA ILE C 120 -11.41 7.87 4.84
C ILE C 120 -11.60 7.11 6.15
N ILE C 121 -10.69 6.19 6.40
CA ILE C 121 -10.49 5.52 7.70
C ILE C 121 -9.38 6.31 8.40
N TYR C 122 -9.67 6.83 9.59
CA TYR C 122 -8.79 7.80 10.30
C TYR C 122 -8.62 7.34 11.75
N ARG C 123 -7.36 7.14 12.09
CA ARG C 123 -6.89 6.87 13.45
C ARG C 123 -5.86 7.94 13.83
N ASP C 124 -6.10 8.62 14.94
CA ASP C 124 -5.25 9.73 15.46
C ASP C 124 -5.49 9.83 16.96
N PRO C 125 -4.44 9.79 17.81
CA PRO C 125 -4.61 9.96 19.26
C PRO C 125 -5.32 11.27 19.63
N SER C 126 -5.15 12.36 18.89
CA SER C 126 -5.89 13.63 19.10
C SER C 126 -7.41 13.47 18.86
N LYS C 127 -8.27 13.81 19.83
CA LYS C 127 -9.75 13.83 19.51
C LYS C 127 -10.10 15.03 18.65
N LYS C 128 -9.53 16.21 18.97
CA LYS C 128 -9.69 17.47 18.18
C LYS C 128 -9.62 17.11 16.68
N ASN C 129 -8.59 16.36 16.26
CA ASN C 129 -8.26 16.12 14.84
C ASN C 129 -9.37 15.35 14.13
N VAL C 130 -9.86 14.26 14.70
CA VAL C 130 -10.94 13.48 14.03
C VAL C 130 -12.15 14.40 13.82
N ASP C 131 -12.47 15.27 14.78
CA ASP C 131 -13.66 16.15 14.66
C ASP C 131 -13.39 17.18 13.58
N ILE C 132 -12.19 17.75 13.53
CA ILE C 132 -11.87 18.74 12.47
C ILE C 132 -11.96 18.05 11.10
N ALA C 133 -11.41 16.84 10.99
CA ALA C 133 -11.44 16.01 9.77
C ALA C 133 -12.91 15.85 9.35
N VAL C 134 -13.81 15.55 10.28
CA VAL C 134 -15.26 15.38 9.93
C VAL C 134 -15.82 16.69 9.37
N SER C 135 -15.51 17.86 9.94
CA SER C 135 -15.98 19.18 9.42
C SER C 135 -15.48 19.43 7.99
N SER C 136 -14.23 19.08 7.72
CA SER C 136 -13.50 19.55 6.51
C SER C 136 -13.72 18.56 5.37
N SER C 137 -13.99 17.29 5.67
CA SER C 137 -14.01 16.19 4.68
C SER C 137 -15.32 16.31 3.90
N SER C 138 -15.27 16.22 2.57
CA SER C 138 -16.46 16.13 1.70
C SER C 138 -16.90 14.68 1.65
N LYS C 139 -16.24 13.79 2.38
CA LYS C 139 -16.52 12.33 2.32
C LYS C 139 -16.60 11.75 3.71
N PRO C 140 -17.33 10.64 3.84
CA PRO C 140 -17.50 10.00 5.14
C PRO C 140 -16.18 9.54 5.75
N ILE C 141 -16.10 9.67 7.06
CA ILE C 141 -14.96 9.19 7.88
C ILE C 141 -15.44 8.10 8.83
N ILE C 142 -14.64 7.04 8.93
CA ILE C 142 -14.78 6.05 10.02
C ILE C 142 -13.61 6.24 10.94
N ASN C 143 -13.92 6.61 12.17
CA ASN C 143 -12.95 6.69 13.27
C ASN C 143 -12.47 5.27 13.56
N ALA C 144 -11.16 5.04 13.48
CA ALA C 144 -10.52 3.75 13.78
C ALA C 144 -9.90 3.81 15.18
N GLY C 145 -10.05 4.96 15.86
CA GLY C 145 -9.60 5.17 17.24
C GLY C 145 -9.02 6.54 17.43
N ASN C 146 -9.38 7.19 18.54
CA ASN C 146 -8.70 8.43 19.02
C ASN C 146 -8.54 8.38 20.56
N GLY C 147 -7.79 9.36 21.09
CA GLY C 147 -7.39 9.52 22.50
C GLY C 147 -8.54 9.62 23.49
N THR C 148 -9.71 10.13 23.11
CA THR C 148 -10.91 10.15 23.98
C THR C 148 -11.59 8.78 24.09
N GLY C 149 -10.98 7.73 23.52
CA GLY C 149 -11.43 6.35 23.70
C GLY C 149 -12.61 6.01 22.80
N GLU C 150 -13.03 6.91 21.91
CA GLU C 150 -13.98 6.58 20.81
C GLU C 150 -13.30 5.57 19.86
N HIS C 151 -13.98 4.47 19.59
CA HIS C 151 -13.50 3.37 18.74
C HIS C 151 -14.69 2.52 18.37
N PRO C 152 -15.60 3.06 17.53
CA PRO C 152 -16.91 2.45 17.39
C PRO C 152 -16.89 1.04 16.77
N THR C 153 -15.97 0.73 15.86
CA THR C 153 -15.92 -0.63 15.25
C THR C 153 -15.47 -1.65 16.30
N GLN C 154 -14.66 -1.27 17.29
CA GLN C 154 -14.32 -2.17 18.43
C GLN C 154 -15.58 -2.46 19.26
N SER C 155 -16.36 -1.44 19.62
CA SER C 155 -17.64 -1.63 20.36
C SER C 155 -18.56 -2.51 19.53
N LEU C 156 -18.66 -2.24 18.22
CA LEU C 156 -19.56 -2.99 17.32
C LEU C 156 -19.11 -4.47 17.22
N LEU C 157 -17.82 -4.78 17.10
CA LEU C 157 -17.38 -6.19 16.98
C LEU C 157 -17.49 -6.89 18.36
N ASP C 158 -17.20 -6.17 19.46
CA ASP C 158 -17.47 -6.69 20.82
C ASP C 158 -18.95 -7.14 20.90
N PHE C 159 -19.87 -6.28 20.47
CA PHE C 159 -21.33 -6.50 20.59
C PHE C 159 -21.73 -7.66 19.68
N TYR C 160 -21.22 -7.66 18.46
CA TYR C 160 -21.51 -8.73 17.47
C TYR C 160 -21.12 -10.09 18.08
N THR C 161 -19.97 -10.13 18.74
CA THR C 161 -19.41 -11.36 19.34
C THR C 161 -20.37 -11.85 20.44
N ILE C 162 -20.72 -10.96 21.36
CA ILE C 162 -21.69 -11.24 22.47
C ILE C 162 -23.03 -11.73 21.91
N HIS C 163 -23.57 -11.04 20.92
CA HIS C 163 -24.90 -11.37 20.32
C HIS C 163 -24.85 -12.76 19.66
N ASN C 164 -23.67 -13.20 19.19
CA ASN C 164 -23.58 -14.56 18.60
C ASN C 164 -23.81 -15.65 19.64
N TYR C 165 -23.38 -15.48 20.88
CA TYR C 165 -23.58 -16.51 21.94
C TYR C 165 -24.85 -16.24 22.75
N PHE C 166 -25.36 -14.99 22.78
CA PHE C 166 -26.45 -14.54 23.68
C PHE C 166 -27.40 -13.64 22.89
N PRO C 167 -28.04 -14.18 21.84
CA PRO C 167 -28.87 -13.36 20.97
C PRO C 167 -30.05 -12.69 21.68
N PHE C 168 -30.36 -13.09 22.90
CA PHE C 168 -31.47 -12.47 23.67
C PHE C 168 -31.13 -11.04 24.14
N ILE C 169 -29.87 -10.60 24.12
CA ILE C 169 -29.52 -9.20 24.49
C ILE C 169 -30.38 -8.25 23.64
N LEU C 170 -30.76 -8.62 22.42
CA LEU C 170 -31.50 -7.72 21.48
C LEU C 170 -32.97 -7.60 21.89
N ASP C 171 -33.50 -8.53 22.68
CA ASP C 171 -34.97 -8.63 22.89
C ASP C 171 -35.47 -7.55 23.84
N ARG C 172 -34.61 -6.99 24.70
CA ARG C 172 -35.07 -6.01 25.72
C ARG C 172 -36.27 -6.62 26.46
N ASN C 173 -36.09 -7.84 26.93
CA ASN C 173 -37.12 -8.64 27.64
C ASN C 173 -36.71 -8.68 29.11
N ILE C 174 -37.58 -8.26 30.02
CA ILE C 174 -37.27 -8.04 31.46
C ILE C 174 -36.74 -9.37 32.07
N ASN C 175 -37.18 -10.52 31.54
CA ASN C 175 -36.87 -11.89 32.04
C ASN C 175 -35.57 -12.46 31.46
N LYS C 176 -35.01 -11.84 30.42
CA LYS C 176 -33.78 -12.33 29.76
C LYS C 176 -32.72 -11.24 29.83
N LYS C 177 -32.04 -11.19 30.99
CA LYS C 177 -30.98 -10.21 31.36
C LYS C 177 -29.61 -10.81 31.10
N LEU C 178 -28.72 -10.07 30.45
CA LEU C 178 -27.32 -10.53 30.29
C LEU C 178 -26.46 -9.90 31.38
N ASN C 179 -25.59 -10.70 31.98
CA ASN C 179 -24.69 -10.25 33.05
C ASN C 179 -23.29 -10.31 32.52
N ILE C 180 -22.53 -9.23 32.62
CA ILE C 180 -21.15 -9.18 32.05
C ILE C 180 -20.23 -8.75 33.16
N ALA C 181 -19.05 -9.35 33.27
CA ALA C 181 -17.98 -8.85 34.15
C ALA C 181 -16.92 -8.18 33.28
N PHE C 182 -16.61 -6.93 33.57
CA PHE C 182 -15.47 -6.18 33.02
C PHE C 182 -14.35 -6.26 34.06
N VAL C 183 -13.18 -6.73 33.63
CA VAL C 183 -12.03 -7.08 34.52
C VAL C 183 -10.79 -6.30 34.07
N GLY C 184 -10.17 -5.59 35.02
CA GLY C 184 -8.77 -5.13 34.90
C GLY C 184 -8.70 -3.64 35.08
N ASP C 185 -8.24 -2.93 34.06
CA ASP C 185 -8.02 -1.47 34.17
C ASP C 185 -9.22 -0.79 33.52
N LEU C 186 -10.22 -0.50 34.34
CA LEU C 186 -11.53 0.01 33.91
C LEU C 186 -11.48 1.55 33.80
N LYS C 187 -10.55 2.19 34.50
CA LYS C 187 -10.24 3.65 34.37
C LYS C 187 -9.69 3.93 32.97
N ASN C 188 -8.70 3.16 32.52
CA ASN C 188 -7.92 3.45 31.28
C ASN C 188 -8.40 2.60 30.10
N GLY C 189 -9.12 1.49 30.35
CA GLY C 189 -9.67 0.58 29.33
C GLY C 189 -10.89 1.19 28.66
N ARG C 190 -10.64 2.01 27.64
CA ARG C 190 -11.65 2.88 26.99
C ARG C 190 -12.61 1.99 26.21
N THR C 191 -12.15 0.82 25.86
CA THR C 191 -12.93 -0.20 25.13
C THR C 191 -14.10 -0.62 26.05
N VAL C 192 -13.85 -0.64 27.34
CA VAL C 192 -14.90 -0.90 28.36
C VAL C 192 -15.94 0.22 28.34
N HIS C 193 -15.48 1.48 28.33
CA HIS C 193 -16.36 2.67 28.41
C HIS C 193 -17.34 2.60 27.23
N SER C 194 -16.80 2.41 26.03
CA SER C 194 -17.59 2.38 24.78
C SER C 194 -18.60 1.22 24.81
N LEU C 195 -18.15 0.02 25.19
CA LEU C 195 -19.00 -1.19 25.13
C LEU C 195 -20.12 -1.06 26.16
N SER C 196 -19.78 -0.62 27.38
CA SER C 196 -20.76 -0.32 28.47
C SER C 196 -21.88 0.57 27.92
N LYS C 197 -21.51 1.68 27.27
CA LYS C 197 -22.48 2.65 26.70
C LYS C 197 -23.43 1.90 25.76
N LEU C 198 -22.91 1.02 24.91
CA LEU C 198 -23.71 0.28 23.91
C LEU C 198 -24.55 -0.81 24.61
N LEU C 199 -23.96 -1.61 25.52
CA LEU C 199 -24.68 -2.70 26.24
C LEU C 199 -25.85 -2.11 27.06
N SER C 200 -25.70 -0.90 27.64
CA SER C 200 -26.71 -0.30 28.57
C SER C 200 -27.98 0.13 27.82
N ARG C 201 -27.98 0.02 26.50
CA ARG C 201 -29.15 0.27 25.62
C ARG C 201 -30.09 -0.92 25.73
N TYR C 202 -29.66 -1.97 26.46
CA TYR C 202 -30.31 -3.30 26.48
C TYR C 202 -30.44 -3.77 27.93
N ASN C 203 -31.03 -4.95 28.12
CA ASN C 203 -31.31 -5.50 29.47
C ASN C 203 -30.02 -6.15 29.95
N VAL C 204 -29.16 -5.35 30.59
CA VAL C 204 -27.79 -5.81 30.94
C VAL C 204 -27.42 -5.35 32.35
N SER C 205 -26.63 -6.19 33.00
CA SER C 205 -26.16 -6.07 34.39
C SER C 205 -24.62 -6.16 34.39
N PHE C 206 -23.95 -5.32 35.18
CA PHE C 206 -22.50 -5.07 35.05
C PHE C 206 -21.79 -5.33 36.37
N ASN C 207 -20.79 -6.21 36.33
CA ASN C 207 -19.77 -6.38 37.38
C ASN C 207 -18.47 -5.70 36.95
N PHE C 208 -18.05 -4.66 37.67
CA PHE C 208 -16.80 -3.92 37.46
C PHE C 208 -15.78 -4.44 38.46
N VAL C 209 -14.90 -5.31 37.96
CA VAL C 209 -13.86 -5.98 38.78
C VAL C 209 -12.51 -5.27 38.57
N SER C 210 -12.02 -4.55 39.59
CA SER C 210 -10.79 -3.70 39.53
C SER C 210 -10.29 -3.41 40.95
N CYS C 211 -9.12 -2.78 41.10
CA CYS C 211 -8.50 -2.50 42.42
C CYS C 211 -9.18 -1.27 43.08
N LYS C 212 -8.43 -0.20 43.39
CA LYS C 212 -9.05 1.11 43.74
C LYS C 212 -8.64 2.15 42.70
N SER C 213 -7.32 2.34 42.49
CA SER C 213 -6.71 3.27 41.49
C SER C 213 -7.39 3.19 40.11
N LEU C 214 -7.97 2.03 39.73
CA LEU C 214 -8.27 1.68 38.30
C LEU C 214 -9.75 1.29 38.06
N ASN C 215 -10.68 1.88 38.80
CA ASN C 215 -12.12 1.49 38.75
C ASN C 215 -12.80 2.20 37.59
N ILE C 216 -13.98 1.74 37.19
CA ILE C 216 -14.80 2.39 36.13
C ILE C 216 -15.06 3.85 36.54
N PRO C 217 -14.88 4.85 35.65
CA PRO C 217 -15.05 6.25 36.06
C PRO C 217 -16.54 6.61 36.28
N LYS C 218 -16.81 7.59 37.17
CA LYS C 218 -18.19 7.96 37.59
C LYS C 218 -19.08 8.25 36.35
N ASP C 219 -18.58 9.02 35.38
CA ASP C 219 -19.42 9.51 34.27
C ASP C 219 -19.90 8.34 33.41
N ILE C 220 -19.12 7.25 33.30
CA ILE C 220 -19.55 6.02 32.56
C ILE C 220 -20.66 5.30 33.35
N VAL C 221 -20.51 5.17 34.67
CA VAL C 221 -21.58 4.61 35.55
C VAL C 221 -22.88 5.41 35.35
N ASN C 222 -22.76 6.74 35.22
CA ASN C 222 -23.95 7.63 35.03
C ASN C 222 -24.61 7.37 33.68
N THR C 223 -23.80 7.19 32.62
CA THR C 223 -24.33 6.90 31.26
C THR C 223 -25.07 5.57 31.29
N ILE C 224 -24.51 4.58 31.99
CA ILE C 224 -25.09 3.21 32.04
C ILE C 224 -26.45 3.35 32.71
N THR C 225 -26.46 4.07 33.83
CA THR C 225 -27.67 4.24 34.68
C THR C 225 -28.75 4.94 33.85
N TYR C 226 -28.37 6.00 33.13
CA TYR C 226 -29.30 6.75 32.24
C TYR C 226 -29.89 5.81 31.19
N ASN C 227 -29.06 5.03 30.46
CA ASN C 227 -29.55 4.16 29.34
C ASN C 227 -30.40 3.01 29.89
N LEU C 228 -30.07 2.51 31.07
CA LEU C 228 -30.86 1.43 31.72
C LEU C 228 -32.21 2.00 32.17
N LYS C 229 -32.22 3.18 32.79
CA LYS C 229 -33.48 3.81 33.28
C LYS C 229 -34.38 4.07 32.07
N LYS C 230 -33.82 4.44 30.94
CA LYS C 230 -34.65 4.82 29.77
C LYS C 230 -35.49 3.61 29.32
N ASN C 231 -35.00 2.37 29.49
CA ASN C 231 -35.68 1.12 29.03
C ASN C 231 -36.26 0.31 30.22
N ASN C 232 -36.30 0.91 31.40
CA ASN C 232 -36.87 0.29 32.64
C ASN C 232 -36.13 -1.00 32.97
N PHE C 233 -34.79 -0.98 32.93
CA PHE C 233 -33.92 -2.13 33.32
C PHE C 233 -32.94 -1.73 34.44
N TYR C 234 -33.13 -0.57 35.06
CA TYR C 234 -32.21 -0.12 36.14
C TYR C 234 -32.75 -0.63 37.48
N SER C 235 -31.91 -1.28 38.30
CA SER C 235 -32.15 -1.59 39.74
C SER C 235 -30.82 -1.40 40.50
N ASP C 236 -30.86 -1.59 41.82
CA ASP C 236 -29.67 -1.47 42.71
C ASP C 236 -28.71 -2.59 42.37
N ASP C 237 -29.19 -3.63 41.68
CA ASP C 237 -28.39 -4.80 41.24
C ASP C 237 -27.83 -4.61 39.80
N SER C 238 -28.12 -3.49 39.14
CA SER C 238 -27.68 -3.26 37.74
C SER C 238 -26.15 -3.18 37.70
N ILE C 239 -25.52 -2.58 38.70
CA ILE C 239 -24.05 -2.33 38.68
C ILE C 239 -23.45 -2.76 40.02
N LYS C 240 -22.63 -3.81 40.04
CA LYS C 240 -21.93 -4.26 41.28
C LYS C 240 -20.42 -4.03 41.10
N TYR C 241 -19.68 -3.81 42.18
CA TYR C 241 -18.22 -3.53 42.16
C TYR C 241 -17.47 -4.59 42.98
N PHE C 242 -16.49 -5.29 42.40
CA PHE C 242 -15.66 -6.28 43.14
C PHE C 242 -14.19 -5.92 42.98
N ASP C 243 -13.35 -6.35 43.92
CA ASP C 243 -11.88 -6.17 43.90
C ASP C 243 -11.20 -7.56 43.79
N ASN C 244 -11.93 -8.60 43.36
CA ASN C 244 -11.37 -9.97 43.23
C ASN C 244 -12.23 -10.80 42.28
N LEU C 245 -11.61 -11.77 41.60
CA LEU C 245 -12.24 -12.57 40.51
C LEU C 245 -13.33 -13.49 41.07
N GLU C 246 -13.02 -14.20 42.16
CA GLU C 246 -13.90 -15.24 42.74
C GLU C 246 -15.35 -14.73 42.78
N GLU C 247 -15.58 -13.54 43.33
CA GLU C 247 -16.93 -12.94 43.46
C GLU C 247 -17.36 -12.34 42.11
N GLY C 248 -16.45 -11.59 41.46
CA GLY C 248 -16.69 -10.88 40.19
C GLY C 248 -17.22 -11.78 39.08
N LEU C 249 -16.75 -13.03 38.98
CA LEU C 249 -16.99 -13.87 37.77
C LEU C 249 -18.23 -14.75 37.94
N GLU C 250 -18.88 -14.65 39.09
CA GLU C 250 -20.03 -15.50 39.50
C GLU C 250 -21.25 -15.10 38.66
N ASP C 251 -21.90 -16.08 38.05
CA ASP C 251 -23.17 -15.90 37.32
C ASP C 251 -23.05 -14.77 36.27
N VAL C 252 -21.96 -14.70 35.50
CA VAL C 252 -21.87 -13.74 34.36
C VAL C 252 -21.76 -14.53 33.04
N HIS C 253 -22.55 -14.17 32.03
CA HIS C 253 -22.57 -14.76 30.66
C HIS C 253 -21.29 -14.35 29.92
N ILE C 254 -20.78 -13.15 30.18
CA ILE C 254 -19.56 -12.64 29.49
C ILE C 254 -18.54 -12.22 30.53
N ILE C 255 -17.29 -12.61 30.30
CA ILE C 255 -16.09 -12.01 30.96
C ILE C 255 -15.29 -11.25 29.91
N TYR C 256 -15.15 -9.93 30.07
CA TYR C 256 -14.36 -9.07 29.16
C TYR C 256 -13.11 -8.61 29.90
N MET C 257 -11.96 -9.20 29.55
CA MET C 257 -10.65 -8.90 30.18
C MET C 257 -10.02 -7.70 29.47
N THR C 258 -9.17 -6.95 30.17
CA THR C 258 -8.39 -5.80 29.63
C THR C 258 -6.95 -5.88 30.12
N ARG C 259 -6.06 -5.12 29.46
CA ARG C 259 -4.66 -4.89 29.86
C ARG C 259 -4.67 -4.20 31.24
N ILE C 260 -3.77 -4.59 32.14
CA ILE C 260 -3.48 -3.89 33.44
C ILE C 260 -1.97 -3.62 33.48
N GLN C 261 -1.51 -2.49 32.92
CA GLN C 261 -0.05 -2.17 32.71
C GLN C 261 0.53 -1.52 33.99
N LYS C 262 1.57 -2.10 34.62
CA LYS C 262 1.96 -1.83 36.05
C LYS C 262 2.18 -0.32 36.29
N GLU C 263 2.58 0.46 35.26
CA GLU C 263 2.62 1.95 35.22
C GLU C 263 1.25 2.49 34.75
N ASN C 276 -1.13 -9.54 38.58
CA ASN C 276 -0.93 -10.25 39.88
C ASN C 276 -2.27 -10.87 40.34
N ALA C 277 -3.28 -10.03 40.61
CA ALA C 277 -4.60 -10.35 41.22
C ALA C 277 -5.70 -10.63 40.17
N PHE C 278 -5.60 -10.07 38.95
CA PHE C 278 -6.71 -10.09 37.96
C PHE C 278 -6.33 -10.89 36.71
N ILE C 279 -5.72 -12.04 36.95
CA ILE C 279 -5.23 -13.00 35.91
C ILE C 279 -6.20 -14.17 35.80
N LEU C 280 -6.76 -14.37 34.60
CA LEU C 280 -7.70 -15.46 34.26
C LEU C 280 -6.91 -16.75 33.97
N SER C 281 -7.31 -17.84 34.63
CA SER C 281 -6.77 -19.21 34.50
C SER C 281 -7.95 -20.20 34.50
N ASN C 282 -7.71 -21.47 34.13
CA ASN C 282 -8.72 -22.55 34.21
C ASN C 282 -9.23 -22.68 35.66
N LYS C 283 -8.36 -22.46 36.66
CA LYS C 283 -8.74 -22.47 38.09
C LYS C 283 -9.80 -21.38 38.34
N THR C 284 -9.53 -20.13 37.96
CA THR C 284 -10.43 -18.98 38.25
C THR C 284 -11.72 -19.15 37.42
N LEU C 285 -11.76 -20.04 36.44
CA LEU C 285 -12.95 -20.20 35.57
C LEU C 285 -13.88 -21.32 36.01
N GLU C 286 -13.53 -22.10 37.02
CA GLU C 286 -14.35 -23.26 37.50
C GLU C 286 -15.69 -22.80 38.09
N ASN C 287 -15.77 -21.61 38.72
CA ASN C 287 -17.01 -21.10 39.33
C ASN C 287 -17.67 -20.05 38.44
N THR C 288 -17.57 -20.22 37.12
CA THR C 288 -18.35 -19.48 36.09
C THR C 288 -19.47 -20.39 35.60
N ARG C 289 -20.46 -19.83 34.91
CA ARG C 289 -21.57 -20.60 34.28
C ARG C 289 -20.97 -21.50 33.19
N ASP C 290 -21.74 -22.50 32.78
CA ASP C 290 -21.29 -23.40 31.70
C ASP C 290 -21.18 -22.60 30.41
N ASP C 291 -22.04 -21.60 30.23
CA ASP C 291 -22.23 -20.90 28.93
C ASP C 291 -21.34 -19.66 28.86
N THR C 292 -20.52 -19.37 29.87
CA THR C 292 -19.81 -18.06 29.87
C THR C 292 -18.80 -18.04 28.74
N LYS C 293 -18.67 -16.88 28.09
CA LYS C 293 -17.70 -16.63 27.00
C LYS C 293 -16.76 -15.51 27.45
N ILE C 294 -15.49 -15.61 27.07
CA ILE C 294 -14.38 -14.72 27.48
C ILE C 294 -13.96 -13.88 26.28
N LEU C 295 -14.13 -12.56 26.39
CA LEU C 295 -13.62 -11.62 25.37
C LEU C 295 -12.37 -10.93 25.93
N HIS C 296 -11.61 -10.31 25.02
CA HIS C 296 -10.41 -9.48 25.30
C HIS C 296 -10.10 -8.74 24.01
N PRO C 297 -10.06 -7.38 24.01
CA PRO C 297 -9.90 -6.62 22.78
C PRO C 297 -8.53 -6.91 22.14
N LEU C 298 -7.57 -7.37 22.95
CA LEU C 298 -6.18 -7.75 22.56
C LEU C 298 -5.43 -6.50 22.14
N PRO C 299 -4.08 -6.47 22.25
CA PRO C 299 -3.31 -7.62 22.68
C PRO C 299 -3.39 -7.90 24.17
N ARG C 300 -3.16 -9.15 24.58
CA ARG C 300 -3.01 -9.54 26.00
C ARG C 300 -1.54 -9.59 26.36
N VAL C 301 -1.20 -9.57 27.65
CA VAL C 301 0.17 -9.74 28.20
C VAL C 301 0.05 -10.96 29.12
N ASN C 302 -0.19 -10.81 30.43
CA ASN C 302 -0.34 -11.94 31.39
C ASN C 302 -1.80 -12.14 31.82
N GLU C 303 -2.69 -11.17 31.54
CA GLU C 303 -4.11 -11.13 31.99
C GLU C 303 -4.83 -12.46 31.72
N ILE C 304 -4.53 -13.15 30.62
CA ILE C 304 -5.11 -14.49 30.28
C ILE C 304 -3.97 -15.49 30.00
N LYS C 305 -3.90 -16.51 30.84
CA LYS C 305 -2.89 -17.60 30.73
C LYS C 305 -3.15 -18.40 29.44
N VAL C 306 -2.07 -18.79 28.74
CA VAL C 306 -2.14 -19.52 27.43
C VAL C 306 -3.01 -20.79 27.58
N GLU C 307 -3.06 -21.40 28.78
CA GLU C 307 -3.89 -22.60 29.04
C GLU C 307 -5.37 -22.34 28.70
N VAL C 308 -5.86 -21.11 28.89
CA VAL C 308 -7.30 -20.75 28.70
C VAL C 308 -7.69 -20.80 27.22
N ASP C 309 -6.72 -20.64 26.31
CA ASP C 309 -6.94 -20.70 24.84
C ASP C 309 -7.61 -22.03 24.47
N SER C 310 -7.30 -23.10 25.19
CA SER C 310 -7.83 -24.47 24.96
C SER C 310 -9.23 -24.58 25.53
N ASN C 311 -9.52 -23.77 26.55
CA ASN C 311 -10.83 -23.79 27.24
C ASN C 311 -11.89 -23.28 26.27
N PRO C 312 -12.94 -24.08 25.97
CA PRO C 312 -13.93 -23.68 24.97
C PRO C 312 -14.70 -22.40 25.33
N LYS C 313 -14.59 -21.95 26.57
CA LYS C 313 -15.17 -20.65 26.99
C LYS C 313 -14.40 -19.48 26.34
N SER C 314 -13.16 -19.65 25.89
CA SER C 314 -12.37 -18.52 25.34
C SER C 314 -12.83 -18.23 23.90
N VAL C 315 -13.05 -16.97 23.53
CA VAL C 315 -13.50 -16.53 22.17
C VAL C 315 -12.77 -15.25 21.77
N TYR C 316 -11.72 -14.85 22.48
CA TYR C 316 -11.00 -13.57 22.18
C TYR C 316 -10.39 -13.62 20.77
N PHE C 317 -10.03 -14.80 20.24
CA PHE C 317 -9.45 -14.90 18.86
C PHE C 317 -10.59 -14.88 17.84
N THR C 318 -11.73 -15.51 18.13
CA THR C 318 -12.94 -15.40 17.27
C THR C 318 -13.40 -13.92 17.24
N GLN C 319 -13.29 -13.25 18.40
CA GLN C 319 -13.67 -11.82 18.59
C GLN C 319 -12.88 -10.95 17.60
N ALA C 320 -11.55 -11.10 17.57
CA ALA C 320 -10.65 -10.33 16.67
C ALA C 320 -10.98 -10.64 15.20
N GLU C 321 -11.21 -11.91 14.91
CA GLU C 321 -11.71 -12.36 13.58
C GLU C 321 -13.00 -11.62 13.24
N ASN C 322 -13.98 -11.50 14.15
CA ASN C 322 -15.28 -10.85 13.82
C ASN C 322 -15.09 -9.39 13.39
N GLY C 323 -14.00 -8.77 13.80
CA GLY C 323 -13.65 -7.40 13.36
C GLY C 323 -13.63 -7.30 11.84
N LEU C 324 -13.11 -8.33 11.15
CA LEU C 324 -13.14 -8.35 9.67
C LEU C 324 -14.59 -8.21 9.20
N TYR C 325 -15.49 -9.06 9.68
CA TYR C 325 -16.88 -9.13 9.14
C TYR C 325 -17.64 -7.85 9.52
N VAL C 326 -17.39 -7.29 10.71
CA VAL C 326 -18.11 -6.07 11.18
C VAL C 326 -17.64 -4.83 10.38
N ARG C 327 -16.34 -4.72 10.07
CA ARG C 327 -15.76 -3.59 9.30
C ARG C 327 -16.19 -3.70 7.84
N MET C 328 -16.23 -4.90 7.28
CA MET C 328 -16.86 -5.12 5.94
C MET C 328 -18.31 -4.64 5.96
N ALA C 329 -19.10 -5.06 6.96
CA ALA C 329 -20.54 -4.67 7.04
C ALA C 329 -20.66 -3.15 7.05
N LEU C 330 -19.92 -2.50 7.92
CA LEU C 330 -20.08 -1.03 8.11
C LEU C 330 -19.68 -0.32 6.81
N LEU C 331 -18.57 -0.72 6.16
CA LEU C 331 -18.15 -0.11 4.88
C LEU C 331 -19.26 -0.33 3.85
N TYR C 332 -19.82 -1.55 3.81
CA TYR C 332 -20.86 -1.87 2.82
C TYR C 332 -22.05 -0.92 3.03
N LEU C 333 -22.50 -0.78 4.28
CA LEU C 333 -23.78 -0.09 4.60
C LEU C 333 -23.64 1.41 4.35
N ILE C 334 -22.44 1.97 4.58
CA ILE C 334 -22.17 3.43 4.42
C ILE C 334 -21.92 3.78 2.95
N PHE C 335 -21.09 3.00 2.25
CA PHE C 335 -20.49 3.43 0.95
C PHE C 335 -21.14 2.77 -0.25
N SER C 336 -22.03 1.81 -0.04
CA SER C 336 -22.72 1.11 -1.13
C SER C 336 -23.52 2.19 -1.87
N SER C 337 -23.61 2.06 -3.18
CA SER C 337 -24.37 3.00 -4.03
C SER C 337 -25.30 2.19 -4.91
N THR C 338 -25.58 0.92 -4.54
CA THR C 338 -26.67 0.09 -5.11
C THR C 338 -27.96 0.93 -5.10
N SER C 339 -29.02 0.37 -5.66
CA SER C 339 -30.41 0.66 -5.23
C SER C 339 -30.93 -0.64 -4.57
N SER C 340 -31.11 -1.67 -5.42
CA SER C 340 -31.91 -2.92 -5.26
C SER C 340 -31.67 -3.61 -3.91
N ALA C 341 -32.75 -4.00 -3.26
CA ALA C 341 -32.76 -4.95 -2.12
C ALA C 341 -32.08 -6.26 -2.55
N TRP C 342 -32.29 -6.70 -3.79
CA TRP C 342 -31.69 -7.91 -4.40
C TRP C 342 -30.16 -7.93 -4.40
N SER C 343 -29.50 -6.80 -4.35
CA SER C 343 -28.01 -6.78 -4.42
C SER C 343 -27.32 -6.94 -3.05
N HIS C 344 -28.02 -6.89 -1.92
CA HIS C 344 -27.44 -7.04 -0.57
C HIS C 344 -27.04 -8.50 -0.32
N PRO C 345 -26.00 -8.73 0.51
CA PRO C 345 -25.65 -10.08 0.92
C PRO C 345 -26.82 -10.82 1.64
N GLN C 346 -26.97 -12.12 1.39
CA GLN C 346 -28.23 -12.91 1.58
C GLN C 346 -27.87 -14.40 1.46
N PHE C 347 -26.93 -14.87 2.26
CA PHE C 347 -26.59 -16.29 2.52
C PHE C 347 -27.62 -16.99 3.44
#